data_3K9X
#
_entry.id   3K9X
#
_cell.length_a   62.263
_cell.length_b   77.630
_cell.length_c   73.732
_cell.angle_alpha   90.000
_cell.angle_beta   102.630
_cell.angle_gamma   90.000
#
_symmetry.space_group_name_H-M   'P 1 21 1'
#
loop_
_entity.id
_entity.type
_entity.pdbx_description
1 polymer 'PROTEIN (Coagulation factor X)'
2 polymer 'PROTEIN (Coagulation factor X)'
3 non-polymer GLYCEROL
4 non-polymer "N-{N'-(2-methyl-1-benzofuran-5-yl)-N-[(3S)-2-oxo-1-(2-oxo-2-pyrrolidin-1-ylethyl)azepan-3-yl]carbamimidoyl}pyridine-3-carboxamide"
5 non-polymer 'CALCIUM ION'
6 non-polymer 'SODIUM ION'
7 water water
#
loop_
_entity_poly.entity_id
_entity_poly.type
_entity_poly.pdbx_seq_one_letter_code
_entity_poly.pdbx_strand_id
1 'polypeptide(L)'
;KDGDQCETSPCQNQGKCKDGLGEYTCTCLEGFEGKNCELFTRKLCSLDNGDCDQFCHEEQNSVVCSCARGYTLADNGKAC
IPTGPYPCGKQTLE
;
A,C
2 'polypeptide(L)'
;IVGGQECKDGECPWQALLINEENEGFCGGTILSEFYILTAAHCLYQAKRFKVRVGDRNTEQEEGGEAVHEVEVVIKHNRF
TKETYDFDIAVLRLKTPITFRMNVAPACLPERDWAESTLMTQKTGIVSGFGRTHEKGRQSTRLKMLEVPYVDRNSCKLSS
SFIITQNMFCAGYDTKQEDACQGDSGGPHVTRFKDTYFVTGIVSWGEGCARKGKYGIYTKVTAFLKWIDRSMKTRGLP
;
B,D
#
# COMPACT_ATOMS: atom_id res chain seq x y z
N CYS A 6 30.85 13.88 20.20
CA CYS A 6 31.33 13.73 18.81
C CYS A 6 32.50 12.77 18.72
N GLU A 7 32.89 12.19 19.85
CA GLU A 7 34.13 11.39 19.89
C GLU A 7 34.05 10.17 18.98
N THR A 8 32.83 9.64 18.84
CA THR A 8 32.58 8.42 18.06
C THR A 8 32.32 8.73 16.59
N SER A 9 32.31 10.02 16.24
CA SER A 9 31.91 10.44 14.89
C SER A 9 30.47 10.00 14.57
N PRO A 10 29.49 10.47 15.39
CA PRO A 10 28.06 10.16 15.20
C PRO A 10 27.50 10.73 13.89
N CYS A 11 28.18 11.71 13.28
CA CYS A 11 27.71 12.29 12.02
C CYS A 11 28.22 11.48 10.82
N GLN A 12 27.30 10.89 10.03
CA GLN A 12 27.63 10.05 8.87
C GLN A 12 28.05 10.86 7.64
N ASN A 13 28.60 10.16 6.65
CA ASN A 13 28.93 10.76 5.36
C ASN A 13 29.67 12.09 5.47
N GLN A 14 30.63 12.16 6.39
CA GLN A 14 31.53 13.32 6.57
C GLN A 14 30.84 14.59 6.98
N GLY A 15 29.70 14.44 7.66
CA GLY A 15 29.02 15.60 8.22
C GLY A 15 29.88 16.05 9.36
N LYS A 16 29.66 17.27 9.79
CA LYS A 16 30.47 17.87 10.84
C LYS A 16 29.74 17.91 12.16
N CYS A 17 30.38 17.41 13.22
CA CYS A 17 29.76 17.21 14.53
C CYS A 17 30.11 18.34 15.50
N LYS A 18 29.09 18.92 16.14
CA LYS A 18 29.32 19.96 17.16
C LYS A 18 28.99 19.42 18.58
N ASP A 19 29.51 20.09 19.63
CA ASP A 19 29.34 19.75 21.07
C ASP A 19 30.08 18.47 21.50
N GLU A 23 22.82 17.72 22.95
CA GLU A 23 24.04 17.01 23.35
C GLU A 23 24.98 16.75 22.15
N TYR A 24 24.53 17.03 20.93
CA TYR A 24 25.42 17.19 19.74
C TYR A 24 24.59 17.48 18.52
N THR A 25 25.26 17.99 17.49
CA THR A 25 24.59 18.49 16.31
C THR A 25 25.35 18.12 15.04
N CYS A 26 24.61 17.82 13.98
CA CYS A 26 25.27 17.48 12.74
C CYS A 26 25.05 18.53 11.66
N THR A 27 26.11 19.04 11.05
CA THR A 27 25.93 19.91 9.91
C THR A 27 26.38 19.11 8.69
N CYS A 28 25.43 18.76 7.84
CA CYS A 28 25.69 17.77 6.81
C CYS A 28 26.26 18.42 5.56
N LEU A 29 27.01 17.65 4.78
CA LEU A 29 27.38 18.05 3.42
C LEU A 29 26.11 18.14 2.61
N GLU A 30 26.17 18.89 1.51
CA GLU A 30 25.08 18.90 0.54
C GLU A 30 24.89 17.50 0.02
N GLY A 31 23.63 17.13 -0.20
CA GLY A 31 23.29 15.79 -0.66
C GLY A 31 22.86 14.85 0.47
N PHE A 32 22.95 15.29 1.73
CA PHE A 32 22.63 14.44 2.89
C PHE A 32 21.69 15.14 3.84
N GLU A 33 20.81 14.39 4.49
CA GLU A 33 19.94 14.97 5.49
C GLU A 33 19.70 13.90 6.51
N GLY A 34 18.69 14.09 7.35
CA GLY A 34 18.59 13.35 8.57
C GLY A 34 19.42 14.01 9.67
N LYS A 35 19.12 13.67 10.91
CA LYS A 35 19.79 14.23 12.08
C LYS A 35 21.26 13.93 12.07
N ASN A 36 21.60 12.79 11.51
CA ASN A 36 22.99 12.36 11.44
C ASN A 36 23.57 12.30 10.01
N CYS A 37 22.95 13.00 9.07
CA CYS A 37 23.39 13.08 7.66
C CYS A 37 23.40 11.68 7.05
N GLU A 38 22.54 10.81 7.57
CA GLU A 38 22.53 9.43 7.14
C GLU A 38 21.60 9.13 6.02
N LEU A 39 20.89 10.15 5.51
CA LEU A 39 19.89 9.97 4.49
C LEU A 39 20.29 10.76 3.23
N PHE A 40 20.28 10.12 2.06
CA PHE A 40 20.59 10.76 0.81
C PHE A 40 19.44 11.66 0.47
N THR A 41 19.74 12.86 -0.02
CA THR A 41 18.68 13.73 -0.60
C THR A 41 18.43 13.37 -2.07
N ARG A 42 19.46 13.02 -2.79
CA ARG A 42 19.27 12.60 -4.19
C ARG A 42 18.54 11.26 -4.16
N LYS A 43 17.59 11.10 -5.08
CA LYS A 43 16.77 9.91 -5.07
C LYS A 43 16.11 9.77 -6.44
N LEU A 44 15.56 8.61 -6.71
CA LEU A 44 14.96 8.45 -8.00
C LEU A 44 13.45 8.55 -7.81
N CYS A 45 12.72 8.36 -8.89
CA CYS A 45 11.26 8.55 -8.89
C CYS A 45 10.52 7.63 -7.99
N SER A 46 11.10 6.46 -7.68
CA SER A 46 10.45 5.42 -6.84
C SER A 46 10.28 5.82 -5.40
N LEU A 47 10.93 6.90 -4.98
CA LEU A 47 10.90 7.31 -3.59
C LEU A 47 10.46 8.75 -3.49
N ASP A 48 9.40 8.99 -2.74
CA ASP A 48 8.84 10.31 -2.61
C ASP A 48 8.67 11.04 -3.98
N ASN A 49 8.35 10.29 -5.01
CA ASN A 49 8.15 10.83 -6.35
C ASN A 49 9.34 11.72 -6.77
N GLY A 50 10.55 11.41 -6.30
CA GLY A 50 11.73 12.15 -6.73
C GLY A 50 11.72 13.55 -6.12
N ASP A 51 10.87 13.76 -5.10
CA ASP A 51 10.56 15.13 -4.60
C ASP A 51 9.86 16.10 -5.59
N CYS A 52 9.29 15.56 -6.67
CA CYS A 52 8.55 16.35 -7.62
C CYS A 52 7.13 16.63 -7.11
N ASP A 53 6.60 17.81 -7.38
CA ASP A 53 5.17 18.00 -7.10
C ASP A 53 4.23 17.09 -7.94
N GLN A 54 4.55 16.90 -9.21
CA GLN A 54 3.67 16.20 -10.16
C GLN A 54 4.45 15.15 -10.84
N PHE A 55 4.86 15.39 -12.07
CA PHE A 55 5.45 14.28 -12.86
C PHE A 55 6.91 14.18 -12.54
N CYS A 56 7.38 12.93 -12.48
CA CYS A 56 8.77 12.61 -12.18
C CYS A 56 9.26 11.74 -13.35
N HIS A 57 10.40 12.05 -13.98
CA HIS A 57 11.03 10.96 -14.74
C HIS A 57 12.55 11.00 -14.60
N GLU A 58 13.20 9.97 -15.10
CA GLU A 58 14.68 9.88 -14.94
C GLU A 58 15.44 10.12 -16.24
N GLU A 59 16.41 11.03 -16.21
CA GLU A 59 17.22 11.26 -17.40
C GLU A 59 18.66 11.17 -16.98
N GLN A 60 19.45 10.27 -17.60
CA GLN A 60 20.86 10.25 -17.26
C GLN A 60 20.99 9.94 -15.76
N ASN A 61 20.20 8.97 -15.29
CA ASN A 61 20.27 8.52 -13.89
C ASN A 61 19.90 9.63 -12.91
N SER A 62 19.29 10.68 -13.45
CA SER A 62 18.94 11.85 -12.67
C SER A 62 17.42 12.12 -12.74
N VAL A 63 16.87 12.58 -11.64
CA VAL A 63 15.46 12.99 -11.61
C VAL A 63 15.18 14.35 -12.32
N VAL A 64 14.17 14.37 -13.19
CA VAL A 64 13.64 15.59 -13.78
C VAL A 64 12.09 15.62 -13.50
N CYS A 65 11.62 16.73 -12.90
CA CYS A 65 10.19 16.93 -12.58
C CYS A 65 9.53 17.78 -13.67
N SER A 66 8.21 17.66 -13.86
CA SER A 66 7.48 18.47 -14.79
C SER A 66 6.08 18.57 -14.27
N CYS A 67 5.22 19.28 -14.99
CA CYS A 67 3.90 19.70 -14.47
C CYS A 67 2.82 19.58 -15.52
N ALA A 68 1.59 19.46 -15.08
CA ALA A 68 0.54 19.18 -16.03
C ALA A 68 0.03 20.47 -16.58
N ARG A 69 -1.08 20.37 -17.29
CA ARG A 69 -1.64 21.52 -17.97
C ARG A 69 -2.13 22.56 -16.97
N GLY A 70 -1.64 23.79 -17.11
CA GLY A 70 -2.10 24.83 -16.21
C GLY A 70 -1.08 25.10 -15.12
N TYR A 71 0.12 24.54 -15.28
CA TYR A 71 1.19 24.73 -14.30
C TYR A 71 2.48 25.03 -15.02
N THR A 72 3.34 25.79 -14.32
CA THR A 72 4.71 25.92 -14.76
C THR A 72 5.70 25.37 -13.72
N LEU A 73 6.79 24.76 -14.21
CA LEU A 73 7.77 24.16 -13.30
C LEU A 73 8.56 25.32 -12.64
N ALA A 74 8.60 25.33 -11.33
CA ALA A 74 9.23 26.40 -10.54
C ALA A 74 10.72 26.38 -10.75
N ASP A 75 11.37 27.49 -10.44
CA ASP A 75 12.82 27.59 -10.68
C ASP A 75 13.57 26.49 -9.87
N ASN A 76 13.01 26.09 -8.74
CA ASN A 76 13.62 25.03 -7.96
C ASN A 76 13.60 23.62 -8.61
N GLY A 77 12.94 23.50 -9.75
CA GLY A 77 12.94 22.29 -10.55
C GLY A 77 12.07 21.16 -10.03
N LYS A 78 11.26 21.43 -9.00
CA LYS A 78 10.43 20.42 -8.31
C LYS A 78 8.95 20.82 -8.15
N ALA A 79 8.71 22.04 -7.61
CA ALA A 79 7.35 22.59 -7.43
C ALA A 79 6.63 22.92 -8.72
N CYS A 80 5.29 22.89 -8.68
CA CYS A 80 4.54 23.27 -9.88
C CYS A 80 3.69 24.53 -9.63
N ILE A 81 3.87 25.56 -10.44
CA ILE A 81 3.22 26.85 -10.11
C ILE A 81 1.98 27.01 -11.00
N PRO A 82 0.77 27.23 -10.41
CA PRO A 82 -0.43 27.34 -11.21
C PRO A 82 -0.33 28.57 -12.12
N THR A 83 -1.01 28.54 -13.25
CA THR A 83 -1.00 29.70 -14.20
C THR A 83 -2.30 30.52 -14.11
N GLY A 84 -3.16 30.15 -13.16
CA GLY A 84 -4.45 30.81 -13.00
C GLY A 84 -5.23 30.19 -11.85
N PRO A 85 -6.43 30.74 -11.60
CA PRO A 85 -7.23 30.27 -10.45
C PRO A 85 -7.78 28.87 -10.67
N TYR A 86 -7.78 28.34 -11.89
CA TYR A 86 -8.42 27.00 -12.10
C TYR A 86 -7.48 25.99 -12.80
N PRO A 87 -6.36 25.69 -12.20
CA PRO A 87 -5.40 24.82 -12.84
C PRO A 87 -5.97 23.38 -12.80
N CYS A 88 -5.45 22.50 -13.61
CA CYS A 88 -6.10 21.18 -13.70
C CYS A 88 -5.98 20.42 -12.39
N GLY A 89 -6.95 19.57 -12.14
CA GLY A 89 -6.87 18.58 -11.07
C GLY A 89 -7.03 19.13 -9.68
N LYS A 90 -7.38 20.39 -9.54
CA LYS A 90 -7.69 20.93 -8.19
C LYS A 90 -9.19 21.19 -7.96
N GLN A 91 -9.73 20.63 -6.89
CA GLN A 91 -11.12 20.94 -6.49
C GLN A 91 -11.28 22.44 -6.35
N THR A 92 -12.42 23.01 -6.75
CA THR A 92 -12.53 24.47 -6.78
C THR A 92 -12.87 25.01 -5.39
N LEU A 93 -12.05 25.94 -4.92
CA LEU A 93 -12.28 26.71 -3.66
C LEU A 93 -13.26 27.85 -3.80
N GLU A 94 -13.21 28.57 -4.93
CA GLU A 94 -14.23 29.55 -5.15
C GLU A 94 -14.48 29.71 -6.64
N ILE B 1 -24.16 5.90 -9.74
CA ILE B 1 -23.22 5.46 -8.66
C ILE B 1 -24.01 4.83 -7.51
N VAL B 2 -23.68 3.58 -7.19
CA VAL B 2 -24.31 2.81 -6.12
C VAL B 2 -23.38 2.99 -4.92
N GLY B 3 -23.91 3.43 -3.76
CA GLY B 3 -23.12 3.82 -2.61
C GLY B 3 -22.44 5.19 -2.82
N GLY B 4 -21.26 5.36 -2.22
CA GLY B 4 -20.50 6.61 -2.26
C GLY B 4 -21.30 7.73 -1.61
N GLN B 5 -21.07 8.97 -2.03
CA GLN B 5 -21.61 10.18 -1.38
C GLN B 5 -21.91 11.19 -2.51
N GLU B 6 -22.77 12.17 -2.23
CA GLU B 6 -22.96 13.31 -3.15
C GLU B 6 -21.65 14.13 -3.19
N CYS B 7 -21.28 14.62 -4.37
CA CYS B 7 -20.18 15.58 -4.43
C CYS B 7 -20.65 16.89 -3.77
N LYS B 8 -19.80 17.40 -2.89
CA LYS B 8 -19.94 18.71 -2.33
C LYS B 8 -19.52 19.79 -3.31
N ASP B 9 -19.90 21.03 -2.98
CA ASP B 9 -19.56 22.22 -3.77
C ASP B 9 -18.05 22.22 -4.11
N GLY B 10 -17.74 22.29 -5.41
CA GLY B 10 -16.35 22.28 -5.90
C GLY B 10 -15.57 20.96 -5.94
N GLU B 11 -16.20 19.91 -5.44
CA GLU B 11 -15.51 18.68 -5.18
C GLU B 11 -15.30 17.90 -6.47
N CYS B 12 -16.22 17.97 -7.42
CA CYS B 12 -16.05 17.10 -8.62
C CYS B 12 -16.19 18.00 -9.87
N PRO B 13 -15.31 19.01 -10.00
CA PRO B 13 -15.56 20.10 -10.95
C PRO B 13 -15.36 19.70 -12.40
N TRP B 14 -14.65 18.58 -12.65
CA TRP B 14 -14.39 18.11 -14.03
C TRP B 14 -15.53 17.26 -14.57
N GLN B 15 -16.61 17.03 -13.78
CA GLN B 15 -17.73 16.19 -14.27
C GLN B 15 -18.43 16.88 -15.42
N ALA B 16 -18.74 16.16 -16.50
CA ALA B 16 -19.62 16.69 -17.55
C ALA B 16 -20.75 15.71 -17.66
N LEU B 17 -21.87 16.14 -18.25
CA LEU B 17 -23.05 15.29 -18.45
C LEU B 17 -23.48 15.41 -19.88
N LEU B 18 -23.57 14.28 -20.59
CA LEU B 18 -24.06 14.31 -21.95
C LEU B 18 -25.61 14.22 -21.85
N ILE B 19 -26.27 15.20 -22.45
CA ILE B 19 -27.74 15.28 -22.41
C ILE B 19 -28.33 15.09 -23.85
N ASN B 20 -29.35 14.26 -23.98
CA ASN B 20 -29.91 13.97 -25.26
C ASN B 20 -30.93 15.04 -25.70
N GLU B 21 -31.70 14.72 -26.73
CA GLU B 21 -32.54 15.70 -27.40
C GLU B 21 -33.70 16.05 -26.48
N GLU B 22 -33.95 15.18 -25.50
CA GLU B 22 -34.98 15.39 -24.50
C GLU B 22 -34.42 16.11 -23.30
N ASN B 23 -33.17 16.53 -23.40
CA ASN B 23 -32.49 17.06 -22.22
C ASN B 23 -32.28 16.13 -21.03
N GLU B 24 -32.32 14.83 -21.29
CA GLU B 24 -32.01 13.89 -20.24
C GLU B 24 -30.53 13.49 -20.31
N GLY B 25 -29.88 13.47 -19.15
CA GLY B 25 -28.53 12.93 -19.07
C GLY B 25 -28.52 11.44 -19.42
N PHE B 26 -27.56 10.99 -20.21
CA PHE B 26 -27.52 9.55 -20.51
C PHE B 26 -26.11 8.97 -20.35
N CYS B 27 -25.11 9.81 -20.11
CA CYS B 27 -23.69 9.36 -20.05
C CYS B 27 -22.93 10.51 -19.41
N GLY B 28 -21.74 10.28 -18.86
CA GLY B 28 -20.94 11.39 -18.32
C GLY B 28 -19.77 11.69 -19.25
N GLY B 29 -18.92 12.62 -18.81
CA GLY B 29 -17.72 12.94 -19.56
C GLY B 29 -16.82 13.58 -18.54
N THR B 30 -15.59 13.86 -18.93
CA THR B 30 -14.62 14.54 -18.07
C THR B 30 -14.10 15.78 -18.77
N ILE B 31 -14.06 16.88 -18.04
CA ILE B 31 -13.55 18.10 -18.64
C ILE B 31 -12.03 18.04 -18.74
N LEU B 32 -11.47 18.15 -19.95
CA LEU B 32 -9.98 18.18 -20.11
C LEU B 32 -9.36 19.58 -20.32
N SER B 33 -10.13 20.48 -20.91
CA SER B 33 -9.70 21.87 -21.13
C SER B 33 -10.96 22.68 -21.43
N GLU B 34 -10.78 23.97 -21.75
CA GLU B 34 -11.87 24.85 -22.20
C GLU B 34 -12.67 24.27 -23.39
N PHE B 35 -12.05 23.46 -24.23
CA PHE B 35 -12.75 22.98 -25.41
C PHE B 35 -12.94 21.50 -25.53
N TYR B 36 -12.26 20.68 -24.71
CA TYR B 36 -12.32 19.20 -24.91
C TYR B 36 -12.93 18.45 -23.72
N ILE B 37 -13.79 17.51 -24.05
CA ILE B 37 -14.44 16.58 -23.13
C ILE B 37 -14.01 15.19 -23.53
N LEU B 38 -13.72 14.38 -22.53
CA LEU B 38 -13.36 12.99 -22.71
C LEU B 38 -14.63 12.14 -22.34
N THR B 39 -14.96 11.19 -23.19
CA THR B 39 -16.11 10.30 -22.91
C THR B 39 -15.87 8.91 -23.43
N ALA B 40 -16.91 8.06 -23.35
CA ALA B 40 -16.78 6.73 -23.91
C ALA B 40 -17.33 6.71 -25.31
N ALA B 41 -16.68 6.02 -26.23
CA ALA B 41 -17.16 5.90 -27.65
C ALA B 41 -18.54 5.27 -27.65
N HIS B 42 -18.81 4.27 -26.78
CA HIS B 42 -20.13 3.63 -26.87
C HIS B 42 -21.31 4.59 -26.62
N CYS B 43 -21.08 5.60 -25.82
CA CYS B 43 -22.09 6.61 -25.54
C CYS B 43 -22.60 7.36 -26.74
N LEU B 44 -21.73 7.52 -27.76
CA LEU B 44 -22.08 8.31 -28.92
C LEU B 44 -23.23 7.68 -29.69
N TYR B 45 -23.36 6.36 -29.58
CA TYR B 45 -24.40 5.62 -30.26
C TYR B 45 -25.72 5.55 -29.45
N GLN B 46 -25.83 6.32 -28.37
CA GLN B 46 -27.03 6.19 -27.51
C GLN B 46 -27.87 7.47 -27.38
N ALA B 47 -27.72 8.35 -28.35
CA ALA B 47 -28.60 9.50 -28.46
C ALA B 47 -28.44 9.99 -29.89
N LYS B 48 -29.50 10.44 -30.55
CA LYS B 48 -29.28 10.87 -31.94
C LYS B 48 -28.56 12.20 -31.98
N ARG B 49 -28.94 13.04 -31.02
CA ARG B 49 -28.27 14.31 -30.89
C ARG B 49 -28.01 14.48 -29.41
N PHE B 50 -26.93 15.14 -29.11
CA PHE B 50 -26.60 15.49 -27.71
C PHE B 50 -25.79 16.74 -27.54
N LYS B 51 -25.83 17.31 -26.34
CA LYS B 51 -25.02 18.44 -26.00
C LYS B 51 -24.31 18.13 -24.65
N VAL B 52 -23.50 19.02 -24.14
CA VAL B 52 -22.71 18.72 -22.95
C VAL B 52 -23.03 19.75 -21.88
N ARG B 53 -23.46 19.29 -20.73
CA ARG B 53 -23.71 20.23 -19.64
C ARG B 53 -22.56 20.20 -18.64
N VAL B 54 -22.09 21.35 -18.24
CA VAL B 54 -21.10 21.44 -17.14
C VAL B 54 -21.63 22.27 -15.95
N GLY B 55 -21.03 22.04 -14.77
CA GLY B 55 -21.35 22.88 -13.60
C GLY B 55 -22.65 22.47 -12.90
N ASP B 56 -23.24 21.36 -13.31
CA ASP B 56 -24.48 20.92 -12.71
C ASP B 56 -24.21 19.99 -11.49
N ARG B 57 -24.85 20.21 -10.35
CA ARG B 57 -24.76 19.22 -9.29
C ARG B 57 -26.15 18.60 -9.07
N ASN B 58 -27.19 19.34 -9.45
CA ASN B 58 -28.60 18.93 -9.27
C ASN B 58 -29.38 19.08 -10.57
N THR B 59 -29.79 18.00 -11.23
CA THR B 59 -30.40 18.10 -12.55
C THR B 59 -31.86 18.56 -12.60
N GLU B 60 -32.48 18.68 -11.43
CA GLU B 60 -33.93 18.97 -11.39
C GLU B 60 -34.07 20.37 -10.85
N GLN B 61 -33.19 21.25 -11.31
CA GLN B 61 -33.08 22.56 -10.74
C GLN B 61 -31.94 23.32 -11.37
N GLU B 62 -32.23 24.12 -12.40
CA GLU B 62 -31.27 25.15 -12.83
C GLU B 62 -30.73 25.93 -11.62
N GLU B 63 -29.46 26.31 -11.66
CA GLU B 63 -28.87 26.97 -10.50
C GLU B 63 -27.69 27.88 -10.85
N GLY B 64 -27.66 28.41 -12.07
CA GLY B 64 -26.66 29.42 -12.40
C GLY B 64 -25.20 28.98 -12.23
N GLY B 65 -24.43 29.13 -13.30
CA GLY B 65 -23.09 28.55 -13.30
C GLY B 65 -23.08 27.19 -13.99
N GLU B 66 -24.26 26.56 -14.07
CA GLU B 66 -24.47 25.52 -15.07
C GLU B 66 -24.51 26.09 -16.48
N ALA B 67 -23.97 25.33 -17.42
CA ALA B 67 -23.96 25.78 -18.79
C ALA B 67 -24.07 24.61 -19.76
N VAL B 68 -24.76 24.80 -20.86
CA VAL B 68 -24.84 23.78 -21.85
C VAL B 68 -24.04 24.18 -23.07
N HIS B 69 -23.14 23.30 -23.54
CA HIS B 69 -22.28 23.55 -24.68
C HIS B 69 -22.61 22.59 -25.86
N GLU B 70 -22.73 23.14 -27.07
CA GLU B 70 -22.82 22.31 -28.24
C GLU B 70 -21.48 21.71 -28.60
N VAL B 71 -21.55 20.57 -29.28
CA VAL B 71 -20.38 19.85 -29.77
C VAL B 71 -20.08 20.22 -31.24
N GLU B 72 -18.86 20.66 -31.47
CA GLU B 72 -18.44 21.03 -32.81
CA GLU B 72 -18.42 21.02 -32.81
C GLU B 72 -17.85 19.82 -33.52
N VAL B 73 -16.98 19.06 -32.82
CA VAL B 73 -16.37 17.92 -33.49
C VAL B 73 -16.41 16.70 -32.56
N VAL B 74 -16.84 15.56 -33.07
CA VAL B 74 -16.71 14.30 -32.38
C VAL B 74 -15.53 13.46 -32.87
N ILE B 75 -14.68 13.09 -31.93
CA ILE B 75 -13.48 12.30 -32.27
C ILE B 75 -13.57 10.95 -31.57
N LYS B 76 -14.13 9.97 -32.24
CA LYS B 76 -14.26 8.63 -31.69
C LYS B 76 -13.01 7.91 -32.01
N HIS B 77 -12.56 7.04 -31.13
CA HIS B 77 -11.38 6.27 -31.50
C HIS B 77 -11.77 5.30 -32.68
N ASN B 78 -11.02 5.30 -33.77
CA ASN B 78 -11.47 4.53 -34.96
C ASN B 78 -11.48 3.05 -34.70
N ARG B 79 -10.77 2.62 -33.66
CA ARG B 79 -10.68 1.21 -33.40
C ARG B 79 -11.74 0.74 -32.35
N PHE B 80 -12.61 1.64 -31.84
CA PHE B 80 -13.79 1.21 -31.04
C PHE B 80 -14.40 -0.06 -31.59
N THR B 81 -14.51 -1.10 -30.74
CA THR B 81 -15.00 -2.41 -31.16
C THR B 81 -16.29 -2.66 -30.44
N LYS B 82 -17.43 -2.58 -31.17
CA LYS B 82 -18.80 -2.68 -30.63
C LYS B 82 -19.07 -3.94 -29.84
N GLU B 83 -18.49 -5.04 -30.28
CA GLU B 83 -18.73 -6.35 -29.64
C GLU B 83 -18.01 -6.55 -28.29
N THR B 84 -16.88 -5.86 -28.06
CA THR B 84 -16.04 -6.08 -26.89
C THR B 84 -15.86 -4.85 -26.03
N TYR B 85 -16.23 -3.69 -26.62
CA TYR B 85 -15.97 -2.33 -26.09
C TYR B 85 -14.47 -2.07 -25.93
N ASP B 86 -13.65 -2.77 -26.72
CA ASP B 86 -12.26 -2.45 -26.76
C ASP B 86 -12.16 -1.01 -27.34
N PHE B 87 -11.20 -0.20 -26.89
CA PHE B 87 -11.02 1.17 -27.42
C PHE B 87 -12.29 2.07 -27.17
N ASP B 88 -12.86 1.93 -25.99
CA ASP B 88 -14.10 2.66 -25.70
C ASP B 88 -13.67 4.07 -25.23
N ILE B 89 -13.33 4.95 -26.20
CA ILE B 89 -12.82 6.26 -25.90
C ILE B 89 -13.21 7.21 -27.01
N ALA B 90 -13.66 8.38 -26.61
CA ALA B 90 -13.90 9.47 -27.60
C ALA B 90 -13.54 10.77 -26.96
N VAL B 91 -13.18 11.75 -27.81
CA VAL B 91 -13.03 13.13 -27.37
C VAL B 91 -14.03 14.02 -28.15
N LEU B 92 -14.64 14.98 -27.46
CA LEU B 92 -15.56 15.98 -28.04
C LEU B 92 -14.91 17.38 -28.03
N ARG B 93 -14.83 18.05 -29.18
CA ARG B 93 -14.42 19.44 -29.16
C ARG B 93 -15.68 20.37 -29.12
N LEU B 94 -15.72 21.36 -28.21
CA LEU B 94 -16.95 22.16 -28.04
C LEU B 94 -16.95 23.37 -28.96
N LYS B 95 -18.13 23.72 -29.47
CA LYS B 95 -18.30 24.95 -30.27
C LYS B 95 -17.80 26.21 -29.55
N THR B 96 -18.14 26.36 -28.27
CA THR B 96 -17.70 27.54 -27.53
C THR B 96 -17.01 27.08 -26.22
N PRO B 97 -16.03 27.86 -25.73
CA PRO B 97 -15.18 27.44 -24.64
C PRO B 97 -15.91 27.46 -23.34
N ILE B 98 -15.57 26.54 -22.46
CA ILE B 98 -16.00 26.55 -21.06
C ILE B 98 -15.28 27.64 -20.29
N THR B 99 -16.00 28.45 -19.53
CA THR B 99 -15.21 29.32 -18.66
C THR B 99 -15.18 28.66 -17.27
N PHE B 100 -13.97 28.44 -16.78
CA PHE B 100 -13.81 27.69 -15.56
C PHE B 100 -14.32 28.56 -14.42
N ARG B 101 -14.95 27.94 -13.44
CA ARG B 101 -15.52 28.68 -12.31
C ARG B 101 -15.75 27.67 -11.22
N MET B 102 -16.37 28.12 -10.14
CA MET B 102 -16.76 27.17 -9.10
C MET B 102 -17.52 25.99 -9.73
N ASN B 103 -17.07 24.78 -9.41
CA ASN B 103 -17.66 23.56 -9.97
C ASN B 103 -17.34 23.22 -11.42
N VAL B 104 -16.44 23.98 -12.06
CA VAL B 104 -16.17 23.74 -13.46
C VAL B 104 -14.66 23.96 -13.67
N ALA B 105 -13.93 22.86 -13.74
CA ALA B 105 -12.52 22.92 -13.92
C ALA B 105 -12.05 21.59 -14.56
N PRO B 106 -10.90 21.64 -15.23
CA PRO B 106 -10.45 20.44 -15.91
C PRO B 106 -9.72 19.44 -14.98
N ALA B 107 -9.81 18.12 -15.26
CA ALA B 107 -8.91 17.17 -14.60
C ALA B 107 -7.56 17.11 -15.35
N CYS B 108 -6.50 16.76 -14.65
CA CYS B 108 -5.15 16.70 -15.32
C CYS B 108 -4.97 15.44 -16.13
N LEU B 109 -4.41 15.56 -17.32
CA LEU B 109 -3.96 14.36 -18.02
C LEU B 109 -2.51 14.06 -17.53
N PRO B 110 -2.26 12.84 -17.05
CA PRO B 110 -0.90 12.52 -16.59
C PRO B 110 0.05 12.11 -17.73
N GLU B 111 1.39 12.13 -17.50
CA GLU B 111 2.36 11.49 -18.46
C GLU B 111 2.27 9.96 -18.34
N ARG B 112 2.39 9.22 -19.44
CA ARG B 112 2.08 7.75 -19.37
C ARG B 112 2.92 6.94 -18.36
N ASP B 113 4.27 7.04 -18.48
CA ASP B 113 5.14 6.20 -17.67
C ASP B 113 4.92 6.48 -16.19
N TRP B 114 4.85 7.76 -15.85
CA TRP B 114 4.57 8.23 -14.50
C TRP B 114 3.22 7.69 -14.01
N ALA B 115 2.21 7.76 -14.87
CA ALA B 115 0.88 7.30 -14.50
C ALA B 115 0.95 5.82 -14.21
N GLU B 116 1.60 5.06 -15.07
CA GLU B 116 1.74 3.62 -14.79
C GLU B 116 2.42 3.32 -13.47
N SER B 117 3.50 4.04 -13.13
CA SER B 117 4.25 3.74 -11.89
C SER B 117 3.70 4.37 -10.60
N THR B 118 2.99 5.49 -10.69
CA THR B 118 2.62 6.28 -9.52
C THR B 118 1.10 6.47 -9.32
N LEU B 119 0.29 6.39 -10.38
CA LEU B 119 -1.16 6.46 -10.17
C LEU B 119 -1.77 5.04 -10.19
N MET B 120 -1.37 4.24 -11.17
CA MET B 120 -2.02 2.93 -11.32
C MET B 120 -1.55 1.94 -10.19
N THR B 121 -0.57 2.36 -9.40
CA THR B 121 -0.14 1.53 -8.26
C THR B 121 -0.75 1.98 -6.94
N GLN B 122 -1.52 3.06 -6.98
CA GLN B 122 -2.23 3.47 -5.77
C GLN B 122 -3.31 2.44 -5.37
N LYS B 123 -3.82 2.52 -4.15
CA LYS B 123 -4.86 1.59 -3.72
C LYS B 123 -6.21 1.89 -4.42
N THR B 124 -6.53 3.16 -4.62
CA THR B 124 -7.89 3.49 -5.09
C THR B 124 -7.88 4.71 -6.05
N GLY B 125 -9.01 4.89 -6.73
CA GLY B 125 -9.29 6.05 -7.55
C GLY B 125 -10.73 6.44 -7.26
N ILE B 126 -11.24 7.49 -7.88
CA ILE B 126 -12.59 7.96 -7.56
C ILE B 126 -13.38 8.02 -8.87
N VAL B 127 -14.58 7.45 -8.86
CA VAL B 127 -15.47 7.45 -10.02
C VAL B 127 -16.67 8.35 -9.66
N SER B 128 -17.21 9.06 -10.65
CA SER B 128 -18.34 9.97 -10.35
C SER B 128 -19.39 9.90 -11.47
N GLY B 129 -20.63 10.35 -11.17
CA GLY B 129 -21.61 10.49 -12.20
C GLY B 129 -23.02 10.66 -11.63
N PHE B 130 -23.95 10.71 -12.57
CA PHE B 130 -25.39 10.84 -12.29
C PHE B 130 -26.13 9.57 -12.58
N GLY B 131 -25.42 8.44 -12.75
CA GLY B 131 -26.11 7.21 -13.10
C GLY B 131 -26.93 6.64 -11.92
N ARG B 132 -27.46 5.43 -12.13
CA ARG B 132 -28.39 4.80 -11.18
C ARG B 132 -27.71 4.57 -9.87
N THR B 133 -28.49 4.70 -8.78
CA THR B 133 -27.97 4.63 -7.43
C THR B 133 -28.21 3.19 -6.93
N HIS B 134 -28.75 2.36 -7.82
CA HIS B 134 -28.99 0.96 -7.47
C HIS B 134 -29.23 0.27 -8.81
N GLU B 135 -28.76 -0.96 -8.94
CA GLU B 135 -28.85 -1.63 -10.23
C GLU B 135 -30.26 -1.56 -10.79
N LYS B 136 -31.23 -1.78 -9.91
CA LYS B 136 -32.64 -1.89 -10.34
C LYS B 136 -33.39 -0.58 -10.11
N GLY B 137 -32.63 0.48 -9.85
CA GLY B 137 -33.17 1.74 -9.41
C GLY B 137 -33.10 2.78 -10.51
N ARG B 138 -32.98 4.05 -10.11
CA ARG B 138 -33.04 5.13 -11.11
C ARG B 138 -31.83 6.05 -11.04
N GLN B 139 -31.52 6.74 -12.16
CA GLN B 139 -30.48 7.82 -12.18
C GLN B 139 -30.62 8.83 -11.02
N SER B 140 -29.49 9.26 -10.45
CA SER B 140 -29.44 10.26 -9.40
C SER B 140 -29.75 11.62 -10.05
N THR B 141 -30.51 12.49 -9.41
CA THR B 141 -30.57 13.82 -9.95
C THR B 141 -29.40 14.62 -9.34
N ARG B 142 -28.62 13.97 -8.48
CA ARG B 142 -27.52 14.65 -7.78
C ARG B 142 -26.21 13.94 -8.18
N LEU B 143 -25.18 14.71 -8.49
CA LEU B 143 -23.86 14.15 -8.82
C LEU B 143 -23.26 13.48 -7.58
N LYS B 144 -22.81 12.23 -7.73
CA LYS B 144 -22.18 11.45 -6.66
C LYS B 144 -20.74 11.01 -7.06
N MET B 145 -19.95 10.64 -6.06
CA MET B 145 -18.61 10.17 -6.28
C MET B 145 -18.47 8.95 -5.42
N LEU B 146 -17.50 8.14 -5.72
CA LEU B 146 -17.27 6.90 -5.00
C LEU B 146 -15.81 6.55 -5.08
N GLU B 147 -15.21 6.21 -3.93
CA GLU B 147 -13.83 5.64 -3.94
C GLU B 147 -13.87 4.17 -4.29
N VAL B 148 -13.13 3.79 -5.32
CA VAL B 148 -13.09 2.43 -5.79
C VAL B 148 -11.63 1.93 -5.80
N PRO B 149 -11.37 0.83 -5.11
CA PRO B 149 -10.03 0.22 -5.15
C PRO B 149 -9.71 -0.29 -6.53
N TYR B 150 -8.47 -0.08 -6.96
CA TYR B 150 -8.02 -0.83 -8.13
C TYR B 150 -7.98 -2.33 -7.85
N VAL B 151 -8.26 -3.15 -8.88
CA VAL B 151 -8.35 -4.60 -8.77
C VAL B 151 -7.25 -5.04 -9.74
N ASP B 152 -6.45 -6.01 -9.32
CA ASP B 152 -5.35 -6.47 -10.16
C ASP B 152 -5.83 -7.20 -11.42
N ARG B 153 -5.03 -7.16 -12.47
CA ARG B 153 -5.50 -7.59 -13.80
C ARG B 153 -5.92 -9.06 -13.84
N ASN B 154 -5.23 -9.90 -13.05
CA ASN B 154 -5.55 -11.33 -13.09
C ASN B 154 -6.89 -11.52 -12.50
N SER B 155 -7.10 -10.96 -11.30
CA SER B 155 -8.40 -11.01 -10.64
C SER B 155 -9.54 -10.48 -11.56
N CYS B 156 -9.23 -9.41 -12.28
CA CYS B 156 -10.22 -8.78 -13.16
C CYS B 156 -10.63 -9.75 -14.25
N LYS B 157 -9.67 -10.31 -14.94
CA LYS B 157 -9.95 -11.28 -15.99
C LYS B 157 -10.72 -12.49 -15.47
N LEU B 158 -10.26 -13.02 -14.34
CA LEU B 158 -10.94 -14.20 -13.78
C LEU B 158 -12.37 -13.90 -13.39
N SER B 159 -12.64 -12.67 -12.95
CA SER B 159 -14.03 -12.32 -12.57
C SER B 159 -15.02 -12.22 -13.71
N SER B 160 -14.53 -12.06 -14.93
CA SER B 160 -15.38 -11.50 -15.97
C SER B 160 -15.89 -12.58 -16.92
N SER B 161 -17.16 -12.48 -17.31
CA SER B 161 -17.71 -13.33 -18.37
C SER B 161 -17.20 -12.88 -19.75
N PHE B 162 -16.58 -11.70 -19.86
CA PHE B 162 -16.24 -11.13 -21.15
C PHE B 162 -14.76 -10.76 -21.20
N ILE B 163 -14.18 -10.70 -22.39
CA ILE B 163 -12.74 -10.46 -22.49
C ILE B 163 -12.40 -9.14 -21.84
N ILE B 164 -11.35 -9.10 -21.02
CA ILE B 164 -10.83 -7.86 -20.45
C ILE B 164 -9.57 -7.56 -21.26
N THR B 165 -9.64 -6.55 -22.17
CA THR B 165 -8.48 -6.28 -23.01
C THR B 165 -7.43 -5.44 -22.25
N GLN B 166 -6.26 -5.29 -22.87
CA GLN B 166 -5.26 -4.52 -22.21
C GLN B 166 -5.66 -3.02 -22.17
N ASN B 167 -6.73 -2.67 -22.88
CA ASN B 167 -7.21 -1.30 -22.87
C ASN B 167 -8.30 -1.09 -21.78
N MET B 168 -8.43 -2.01 -20.84
CA MET B 168 -9.41 -1.89 -19.79
C MET B 168 -8.79 -2.23 -18.44
N PHE B 169 -9.44 -1.84 -17.34
CA PHE B 169 -9.03 -2.30 -16.00
C PHE B 169 -10.26 -2.35 -15.10
N CYS B 170 -10.16 -3.11 -14.00
CA CYS B 170 -11.26 -3.32 -13.06
C CYS B 170 -11.03 -2.43 -11.88
N ALA B 171 -12.11 -1.90 -11.32
CA ALA B 171 -11.99 -1.23 -10.02
C ALA B 171 -13.30 -1.43 -9.34
N GLY B 172 -13.27 -1.40 -8.03
CA GLY B 172 -14.48 -1.64 -7.26
C GLY B 172 -14.29 -2.68 -6.13
N TYR B 173 -15.39 -3.36 -5.76
CA TYR B 173 -15.44 -4.25 -4.62
C TYR B 173 -15.93 -5.65 -5.03
N ASP B 174 -15.42 -6.69 -4.36
CA ASP B 174 -15.88 -8.06 -4.61
C ASP B 174 -17.39 -8.14 -4.22
N THR B 175 -17.70 -7.81 -2.97
CA THR B 175 -19.08 -7.95 -2.51
C THR B 175 -19.71 -6.69 -1.85
N LYS B 176 -18.91 -5.72 -1.45
CA LYS B 176 -19.46 -4.50 -0.91
C LYS B 176 -20.37 -3.89 -1.96
N GLN B 177 -21.48 -3.36 -1.49
CA GLN B 177 -22.49 -2.86 -2.41
C GLN B 177 -22.20 -1.43 -2.90
N GLU B 178 -21.07 -1.29 -3.61
CA GLU B 178 -20.69 0.04 -4.10
C GLU B 178 -20.12 -0.14 -5.50
N ASP B 179 -20.50 0.70 -6.47
CA ASP B 179 -20.02 0.52 -7.85
C ASP B 179 -20.53 1.70 -8.64
N ALA B 180 -20.05 1.83 -9.87
CA ALA B 180 -20.69 2.73 -10.87
C ALA B 180 -21.86 1.94 -11.48
N CYS B 181 -22.63 2.55 -12.39
CA CYS B 181 -23.82 1.84 -12.86
C CYS B 181 -24.29 2.49 -14.15
N GLN B 182 -25.39 2.03 -14.73
CA GLN B 182 -25.84 2.60 -16.01
C GLN B 182 -26.12 4.09 -15.84
N GLY B 183 -25.72 4.87 -16.84
CA GLY B 183 -25.82 6.32 -16.74
C GLY B 183 -24.52 6.97 -16.33
N ASP B 184 -23.65 6.23 -15.64
CA ASP B 184 -22.29 6.74 -15.31
C ASP B 184 -21.29 6.62 -16.44
N SER B 185 -21.58 5.73 -17.39
CA SER B 185 -20.72 5.51 -18.56
C SER B 185 -20.24 6.81 -19.19
N GLY B 186 -18.99 6.78 -19.57
CA GLY B 186 -18.31 7.93 -20.15
C GLY B 186 -17.70 8.86 -19.15
N GLY B 187 -18.09 8.75 -17.85
CA GLY B 187 -17.64 9.75 -16.88
C GLY B 187 -16.24 9.48 -16.35
N PRO B 188 -15.79 10.33 -15.42
CA PRO B 188 -14.42 10.33 -14.88
C PRO B 188 -14.14 9.20 -13.91
N HIS B 189 -12.97 8.60 -14.07
CA HIS B 189 -12.29 7.83 -12.98
C HIS B 189 -10.96 8.62 -12.82
N VAL B 190 -10.71 9.16 -11.61
CA VAL B 190 -9.53 9.96 -11.41
C VAL B 190 -8.73 9.38 -10.26
N THR B 191 -7.43 9.68 -10.19
CA THR B 191 -6.60 9.16 -9.11
C THR B 191 -5.87 10.37 -8.52
N ARG B 192 -5.95 10.54 -7.22
CA ARG B 192 -5.27 11.63 -6.50
C ARG B 192 -3.78 11.34 -6.27
N PHE B 193 -2.98 12.36 -6.54
CA PHE B 193 -1.60 12.32 -6.15
C PHE B 193 -1.18 13.70 -5.63
N LYS B 194 -0.88 13.74 -4.32
CA LYS B 194 -0.46 14.97 -3.67
C LYS B 194 -1.42 16.07 -3.98
N ASP B 195 -2.65 15.91 -3.58
CA ASP B 195 -3.64 16.97 -3.75
C ASP B 195 -4.05 17.31 -5.19
N THR B 196 -3.64 16.52 -6.17
CA THR B 196 -4.05 16.82 -7.56
C THR B 196 -4.70 15.57 -8.19
N TYR B 197 -5.76 15.75 -8.98
CA TYR B 197 -6.53 14.67 -9.56
C TYR B 197 -6.20 14.48 -11.03
N PHE B 198 -5.87 13.24 -11.38
CA PHE B 198 -5.44 12.94 -12.74
C PHE B 198 -6.41 11.95 -13.33
N VAL B 199 -6.74 12.13 -14.61
CA VAL B 199 -7.63 11.14 -15.31
C VAL B 199 -6.92 9.77 -15.48
N THR B 200 -7.56 8.70 -14.93
CA THR B 200 -7.02 7.37 -15.09
C THR B 200 -7.96 6.42 -15.74
N GLY B 201 -9.24 6.80 -15.86
CA GLY B 201 -10.15 5.90 -16.54
C GLY B 201 -11.41 6.60 -17.05
N ILE B 202 -12.15 5.86 -17.87
CA ILE B 202 -13.43 6.30 -18.41
C ILE B 202 -14.40 5.17 -18.04
N VAL B 203 -15.52 5.53 -17.41
CA VAL B 203 -16.46 4.49 -17.04
C VAL B 203 -16.94 3.77 -18.34
N SER B 204 -16.84 2.43 -18.39
CA SER B 204 -17.09 1.74 -19.59
C SER B 204 -18.27 0.74 -19.52
N TRP B 205 -18.14 -0.32 -18.73
CA TRP B 205 -19.19 -1.29 -18.70
C TRP B 205 -19.07 -2.12 -17.44
N GLY B 206 -20.09 -2.94 -17.21
CA GLY B 206 -20.15 -3.76 -15.99
C GLY B 206 -21.25 -4.82 -16.14
N GLU B 207 -21.05 -6.00 -15.54
CA GLU B 207 -22.16 -6.97 -15.48
C GLU B 207 -23.09 -6.67 -14.27
N GLY B 208 -24.15 -5.92 -14.51
CA GLY B 208 -24.96 -5.40 -13.42
C GLY B 208 -24.23 -4.31 -12.67
N CYS B 209 -24.76 -3.94 -11.48
CA CYS B 209 -24.16 -2.90 -10.68
C CYS B 209 -23.91 -3.38 -9.30
N ALA B 210 -22.64 -3.36 -8.92
CA ALA B 210 -22.20 -3.86 -7.58
C ALA B 210 -22.59 -5.35 -7.25
N ARG B 211 -22.51 -6.25 -8.25
CA ARG B 211 -22.88 -7.66 -8.10
C ARG B 211 -21.73 -8.31 -7.41
N LYS B 212 -21.99 -9.31 -6.56
CA LYS B 212 -20.93 -10.01 -5.87
C LYS B 212 -20.06 -10.71 -6.92
N GLY B 213 -18.75 -10.60 -6.76
CA GLY B 213 -17.76 -11.25 -7.65
C GLY B 213 -17.56 -10.55 -9.01
N LYS B 214 -18.18 -9.37 -9.20
CA LYS B 214 -18.06 -8.60 -10.47
C LYS B 214 -17.51 -7.24 -10.14
N TYR B 215 -16.73 -6.65 -11.05
CA TYR B 215 -16.11 -5.33 -10.81
C TYR B 215 -16.60 -4.35 -11.90
N GLY B 216 -16.43 -3.05 -11.68
CA GLY B 216 -16.65 -2.12 -12.79
C GLY B 216 -15.50 -2.16 -13.76
N ILE B 217 -15.80 -2.01 -15.04
CA ILE B 217 -14.73 -2.01 -16.04
C ILE B 217 -14.60 -0.62 -16.62
N TYR B 218 -13.38 -0.15 -16.66
CA TYR B 218 -12.98 1.19 -17.08
C TYR B 218 -12.06 1.14 -18.29
N THR B 219 -12.19 2.13 -19.18
CA THR B 219 -11.22 2.27 -20.25
C THR B 219 -9.90 2.75 -19.57
N LYS B 220 -8.77 2.16 -19.96
CA LYS B 220 -7.52 2.42 -19.30
C LYS B 220 -6.93 3.64 -20.00
N VAL B 221 -6.99 4.78 -19.31
CA VAL B 221 -6.52 6.01 -19.96
C VAL B 221 -5.08 6.01 -20.35
N THR B 222 -4.20 5.33 -19.57
CA THR B 222 -2.77 5.31 -19.95
C THR B 222 -2.51 4.83 -21.40
N ALA B 223 -3.32 3.88 -21.86
CA ALA B 223 -3.13 3.30 -23.19
C ALA B 223 -3.43 4.35 -24.26
N PHE B 224 -4.16 5.41 -23.88
CA PHE B 224 -4.63 6.43 -24.84
C PHE B 224 -4.12 7.84 -24.64
N LEU B 225 -3.08 8.02 -23.83
CA LEU B 225 -2.63 9.39 -23.58
C LEU B 225 -2.11 10.11 -24.87
N LYS B 226 -1.38 9.38 -25.68
CA LYS B 226 -0.85 9.88 -26.94
C LYS B 226 -2.00 10.18 -27.86
N TRP B 227 -2.98 9.27 -27.91
CA TRP B 227 -4.11 9.46 -28.81
C TRP B 227 -4.89 10.73 -28.37
N ILE B 228 -4.96 10.96 -27.05
CA ILE B 228 -5.78 12.09 -26.54
C ILE B 228 -5.04 13.39 -26.89
N ASP B 229 -3.73 13.35 -26.73
CA ASP B 229 -2.89 14.48 -27.05
C ASP B 229 -3.03 14.90 -28.52
N ARG B 230 -3.03 13.92 -29.41
CA ARG B 230 -3.16 14.24 -30.85
C ARG B 230 -4.49 14.88 -31.13
N SER B 231 -5.53 14.33 -30.47
CA SER B 231 -6.92 14.75 -30.70
C SER B 231 -7.12 16.18 -30.23
N MET B 232 -6.26 16.66 -29.35
CA MET B 232 -6.44 17.92 -28.67
C MET B 232 -5.56 19.03 -29.21
N LYS B 233 -4.42 18.62 -29.76
CA LYS B 233 -3.43 19.57 -30.26
C LYS B 233 -4.03 20.30 -31.49
N THR B 234 -5.14 19.74 -31.96
CA THR B 234 -5.94 20.29 -33.04
C THR B 234 -6.48 21.77 -32.91
N ARG B 235 -7.00 22.22 -31.76
CA ARG B 235 -7.15 23.71 -31.48
C ARG B 235 -8.05 24.75 -32.31
N GLY B 236 -8.89 24.23 -33.19
CA GLY B 236 -9.94 25.02 -33.83
C GLY B 236 -9.95 24.79 -35.35
N LEU B 237 -11.03 25.20 -36.01
CA LEU B 237 -11.16 25.00 -37.46
C LEU B 237 -10.08 25.83 -38.21
N PRO B 238 -9.53 25.27 -39.32
CA PRO B 238 -8.52 26.05 -40.05
C PRO B 238 -9.18 27.20 -40.76
N PRO C 10 -16.63 -38.29 44.14
CA PRO C 10 -15.26 -37.71 43.99
C PRO C 10 -15.13 -36.98 42.64
N CYS C 11 -15.88 -37.45 41.65
CA CYS C 11 -15.88 -36.83 40.34
C CYS C 11 -16.79 -35.63 40.32
N GLN C 12 -16.22 -34.44 40.14
CA GLN C 12 -17.00 -33.24 40.23
C GLN C 12 -17.74 -32.97 38.96
N ASN C 13 -18.62 -31.98 39.09
CA ASN C 13 -19.39 -31.50 37.97
C ASN C 13 -20.00 -32.69 37.18
N GLN C 14 -20.60 -33.64 37.91
CA GLN C 14 -21.45 -34.70 37.32
C GLN C 14 -20.71 -35.88 36.67
N GLY C 15 -19.45 -36.09 37.03
CA GLY C 15 -18.62 -36.99 36.26
C GLY C 15 -18.80 -38.41 36.74
N LYS C 16 -18.58 -39.36 35.83
CA LYS C 16 -18.72 -40.78 36.14
C LYS C 16 -17.48 -41.36 36.84
N CYS C 17 -17.70 -41.96 38.02
CA CYS C 17 -16.67 -42.60 38.85
C CYS C 17 -16.65 -44.14 38.82
N LYS C 18 -15.49 -44.74 38.58
CA LYS C 18 -15.41 -46.18 38.38
C LYS C 18 -14.56 -46.91 39.43
N ASP C 19 -14.95 -48.16 39.71
CA ASP C 19 -14.21 -49.18 40.47
C ASP C 19 -12.90 -48.75 41.08
N TYR C 24 -9.81 -45.61 41.64
CA TYR C 24 -10.98 -45.08 40.91
C TYR C 24 -10.57 -44.13 39.77
N THR C 25 -11.45 -44.02 38.76
CA THR C 25 -11.17 -43.19 37.60
C THR C 25 -12.40 -42.34 37.30
N CYS C 26 -12.22 -41.05 37.06
CA CYS C 26 -13.35 -40.19 36.71
C CYS C 26 -13.36 -39.88 35.22
N THR C 27 -14.56 -39.96 34.63
CA THR C 27 -14.77 -39.58 33.23
C THR C 27 -15.66 -38.33 33.27
N CYS C 28 -15.14 -37.21 32.77
CA CYS C 28 -15.80 -35.95 33.01
C CYS C 28 -16.77 -35.59 31.89
N LEU C 29 -17.89 -34.96 32.27
CA LEU C 29 -18.77 -34.25 31.33
C LEU C 29 -17.96 -33.33 30.44
N GLU C 30 -18.53 -32.96 29.30
CA GLU C 30 -17.96 -31.87 28.53
C GLU C 30 -17.92 -30.67 29.49
N GLY C 31 -16.84 -29.87 29.37
CA GLY C 31 -16.59 -28.71 30.23
C GLY C 31 -15.62 -28.88 31.42
N PHE C 32 -15.22 -30.12 31.71
CA PHE C 32 -14.43 -30.43 32.89
C PHE C 32 -13.34 -31.43 32.56
N GLU C 33 -12.20 -31.28 33.22
CA GLU C 33 -11.10 -32.25 33.10
C GLU C 33 -10.36 -32.28 34.40
N GLY C 34 -9.18 -32.88 34.38
CA GLY C 34 -8.52 -33.19 35.61
C GLY C 34 -8.92 -34.53 36.14
N LYS C 35 -8.12 -35.05 37.04
CA LYS C 35 -8.30 -36.37 37.64
C LYS C 35 -9.67 -36.47 38.36
N ASN C 36 -10.08 -35.34 38.94
CA ASN C 36 -11.37 -35.23 39.63
C ASN C 36 -12.39 -34.32 38.97
N CYS C 37 -12.22 -34.06 37.67
CA CYS C 37 -13.11 -33.13 36.94
C CYS C 37 -13.17 -31.77 37.62
N GLU C 38 -12.07 -31.38 38.28
CA GLU C 38 -12.04 -30.15 39.09
C GLU C 38 -11.58 -28.93 38.30
N LEU C 39 -11.18 -29.14 37.05
CA LEU C 39 -10.65 -28.03 36.24
C LEU C 39 -11.61 -27.76 35.10
N PHE C 40 -11.90 -26.48 34.81
CA PHE C 40 -12.72 -26.08 33.69
C PHE C 40 -11.91 -26.29 32.41
N THR C 41 -12.58 -26.82 31.37
CA THR C 41 -12.01 -26.80 30.00
C THR C 41 -12.40 -25.51 29.29
N ARG C 42 -13.59 -25.01 29.51
CA ARG C 42 -13.94 -23.75 28.89
C ARG C 42 -13.11 -22.63 29.54
N LYS C 43 -12.39 -21.87 28.73
CA LYS C 43 -11.50 -20.91 29.32
C LYS C 43 -11.40 -19.64 28.46
N LEU C 44 -10.68 -18.65 28.94
CA LEU C 44 -10.55 -17.53 28.06
C LEU C 44 -9.15 -17.52 27.46
N CYS C 45 -8.90 -16.58 26.58
CA CYS C 45 -7.63 -16.53 25.87
C CYS C 45 -6.45 -16.35 26.79
N SER C 46 -6.69 -15.92 28.04
CA SER C 46 -5.53 -15.59 28.92
C SER C 46 -4.90 -16.83 29.50
N LEU C 47 -5.59 -17.96 29.33
CA LEU C 47 -5.15 -19.23 29.87
C LEU C 47 -4.94 -20.18 28.71
N ASP C 48 -3.73 -20.68 28.57
CA ASP C 48 -3.32 -21.60 27.54
C ASP C 48 -3.78 -21.18 26.17
N ASN C 49 -3.84 -19.87 25.98
CA ASN C 49 -4.25 -19.27 24.71
C ASN C 49 -5.64 -19.75 24.25
N GLY C 50 -6.57 -20.00 25.19
CA GLY C 50 -7.87 -20.48 24.76
C GLY C 50 -7.80 -21.91 24.19
N ASP C 51 -6.64 -22.56 24.34
CA ASP C 51 -6.39 -23.82 23.62
C ASP C 51 -6.26 -23.72 22.07
N CYS C 52 -6.24 -22.50 21.55
CA CYS C 52 -5.88 -22.22 20.16
C CYS C 52 -4.41 -22.50 19.79
N ASP C 53 -4.17 -23.13 18.63
CA ASP C 53 -2.82 -23.21 18.10
C ASP C 53 -2.16 -21.83 17.83
N GLN C 54 -2.95 -20.92 17.36
CA GLN C 54 -2.43 -19.61 16.96
C GLN C 54 -3.27 -18.52 17.57
N PHE C 55 -4.07 -17.83 16.79
CA PHE C 55 -4.76 -16.65 17.34
C PHE C 55 -5.94 -17.06 18.20
N CYS C 56 -6.22 -16.23 19.19
CA CYS C 56 -7.34 -16.42 20.11
C CYS C 56 -8.01 -15.08 20.32
N HIS C 57 -9.34 -15.01 20.20
CA HIS C 57 -10.10 -13.84 20.62
C HIS C 57 -11.40 -14.32 21.23
N GLU C 58 -12.18 -13.43 21.83
CA GLU C 58 -13.43 -13.87 22.49
C GLU C 58 -14.63 -13.17 21.92
N GLU C 59 -15.71 -13.91 21.73
CA GLU C 59 -16.92 -13.32 21.15
C GLU C 59 -18.01 -13.82 22.03
N GLN C 60 -18.90 -12.90 22.44
CA GLN C 60 -20.01 -13.23 23.35
C GLN C 60 -19.49 -14.20 24.41
N ASN C 61 -18.43 -13.75 25.10
CA ASN C 61 -17.91 -14.46 26.27
C ASN C 61 -17.33 -15.86 25.95
N SER C 62 -17.28 -16.18 24.65
CA SER C 62 -16.76 -17.47 24.15
C SER C 62 -15.38 -17.31 23.43
N VAL C 63 -14.47 -18.26 23.61
CA VAL C 63 -13.26 -18.28 22.79
C VAL C 63 -13.47 -18.65 21.30
N VAL C 64 -12.84 -17.88 20.42
CA VAL C 64 -12.81 -18.21 18.99
C VAL C 64 -11.31 -18.20 18.57
N CYS C 65 -10.84 -19.34 18.03
CA CYS C 65 -9.48 -19.44 17.43
C CYS C 65 -9.44 -19.06 15.95
N SER C 66 -8.29 -18.56 15.44
CA SER C 66 -8.06 -18.38 14.02
C SER C 66 -6.59 -18.60 13.76
N CYS C 67 -6.22 -18.55 12.50
CA CYS C 67 -4.92 -18.95 12.00
C CYS C 67 -4.36 -17.87 11.05
N ALA C 68 -3.05 -17.83 10.94
CA ALA C 68 -2.39 -16.82 10.13
C ALA C 68 -2.45 -17.25 8.69
N ARG C 69 -1.88 -16.45 7.78
CA ARG C 69 -2.08 -16.77 6.37
C ARG C 69 -1.26 -18.02 5.99
N GLY C 70 -1.88 -18.95 5.26
CA GLY C 70 -1.15 -20.18 4.92
C GLY C 70 -1.55 -21.36 5.81
N TYR C 71 -2.58 -21.12 6.63
CA TYR C 71 -3.15 -22.13 7.52
C TYR C 71 -4.64 -22.04 7.39
N THR C 72 -5.34 -23.14 7.61
CA THR C 72 -6.76 -23.03 7.76
C THR C 72 -7.20 -23.62 9.14
N LEU C 73 -8.25 -23.06 9.75
CA LEU C 73 -8.66 -23.53 11.09
C LEU C 73 -9.24 -24.92 10.95
N ALA C 74 -8.75 -25.86 11.76
CA ALA C 74 -9.26 -27.22 11.69
C ALA C 74 -10.74 -27.31 12.09
N ASP C 75 -11.35 -28.45 11.79
CA ASP C 75 -12.73 -28.73 12.21
C ASP C 75 -12.92 -28.73 13.71
N ASN C 76 -11.91 -29.07 14.48
CA ASN C 76 -12.07 -28.90 15.90
C ASN C 76 -12.07 -27.45 16.42
N GLY C 77 -11.93 -26.47 15.54
CA GLY C 77 -11.98 -25.07 15.97
C GLY C 77 -10.82 -24.53 16.79
N LYS C 78 -9.72 -25.30 16.91
CA LYS C 78 -8.53 -24.90 17.68
C LYS C 78 -7.25 -25.03 16.86
N ALA C 79 -7.07 -26.17 16.18
CA ALA C 79 -5.83 -26.45 15.43
C ALA C 79 -5.70 -25.69 14.13
N CYS C 80 -4.46 -25.45 13.69
CA CYS C 80 -4.20 -24.72 12.44
C CYS C 80 -3.55 -25.61 11.37
N ILE C 81 -4.23 -25.77 10.22
CA ILE C 81 -3.73 -26.73 9.22
C ILE C 81 -2.93 -26.00 8.14
N PRO C 82 -1.62 -26.34 7.96
CA PRO C 82 -0.90 -25.65 6.87
C PRO C 82 -1.53 -25.93 5.50
N THR C 83 -1.32 -24.99 4.57
CA THR C 83 -1.88 -25.16 3.24
C THR C 83 -0.79 -25.55 2.22
N GLY C 84 0.44 -25.78 2.66
CA GLY C 84 1.50 -26.17 1.72
C GLY C 84 2.70 -26.43 2.59
N PRO C 85 3.82 -26.75 1.97
CA PRO C 85 5.05 -27.11 2.69
C PRO C 85 5.81 -25.91 3.31
N TYR C 86 5.47 -24.67 3.02
CA TYR C 86 6.18 -23.47 3.56
C TYR C 86 5.20 -22.47 4.20
N PRO C 87 4.45 -22.93 5.19
CA PRO C 87 3.46 -22.04 5.78
C PRO C 87 4.20 -20.97 6.60
N CYS C 88 3.53 -19.90 6.95
CA CYS C 88 4.29 -18.81 7.53
C CYS C 88 4.83 -19.21 8.93
N GLY C 89 5.97 -18.67 9.30
CA GLY C 89 6.44 -18.70 10.68
C GLY C 89 7.11 -20.00 11.02
N LYS C 90 7.29 -20.90 10.06
CA LYS C 90 7.90 -22.20 10.41
C LYS C 90 9.30 -22.25 9.81
N GLN C 91 10.29 -22.52 10.65
CA GLN C 91 11.66 -22.83 10.16
C GLN C 91 11.61 -23.94 9.10
N THR C 92 12.37 -23.84 8.03
CA THR C 92 12.18 -24.80 6.94
C THR C 92 12.99 -26.05 7.27
N LEU C 93 12.37 -27.21 7.13
CA LEU C 93 13.04 -28.48 7.46
C LEU C 93 13.67 -29.07 6.22
N GLU C 94 12.97 -28.92 5.08
CA GLU C 94 13.48 -29.41 3.81
C GLU C 94 13.35 -28.27 2.78
N ILE D 1 24.84 -7.79 13.66
CA ILE D 1 24.44 -8.33 14.99
C ILE D 1 25.72 -8.58 15.84
N VAL D 2 25.77 -7.95 17.00
CA VAL D 2 26.80 -8.21 18.01
C VAL D 2 26.37 -9.33 18.93
N GLY D 3 27.20 -10.37 19.03
CA GLY D 3 26.89 -11.50 19.88
C GLY D 3 26.01 -12.42 19.08
N GLY D 4 25.08 -13.11 19.74
CA GLY D 4 24.27 -14.16 19.15
C GLY D 4 25.11 -15.21 18.39
N GLN D 5 24.52 -15.83 17.38
CA GLN D 5 25.12 -17.02 16.74
C GLN D 5 24.67 -16.89 15.32
N GLU D 6 25.37 -17.57 14.42
CA GLU D 6 24.91 -17.65 13.02
C GLU D 6 23.63 -18.49 12.89
N CYS D 7 22.72 -18.11 11.98
CA CYS D 7 21.58 -18.93 11.69
C CYS D 7 22.02 -20.25 11.04
N LYS D 8 21.51 -21.36 11.52
CA LYS D 8 21.63 -22.64 10.86
C LYS D 8 20.70 -22.76 9.67
N ASP D 9 20.93 -23.82 8.90
CA ASP D 9 20.18 -24.07 7.69
C ASP D 9 18.72 -24.11 8.10
N GLY D 10 17.88 -23.35 7.42
CA GLY D 10 16.45 -23.36 7.68
C GLY D 10 15.95 -22.49 8.84
N GLU D 11 16.90 -21.99 9.62
CA GLU D 11 16.58 -21.32 10.85
C GLU D 11 16.06 -19.89 10.71
N CYS D 12 16.51 -19.12 9.75
CA CYS D 12 16.00 -17.70 9.67
C CYS D 12 15.48 -17.45 8.25
N PRO D 13 14.45 -18.21 7.81
CA PRO D 13 14.20 -18.26 6.34
C PRO D 13 13.50 -17.00 5.85
N TRP D 14 12.90 -16.23 6.73
CA TRP D 14 12.23 -14.98 6.32
C TRP D 14 13.21 -13.79 6.17
N GLN D 15 14.50 -14.00 6.43
CA GLN D 15 15.49 -12.92 6.28
C GLN D 15 15.59 -12.50 4.80
N ALA D 16 15.54 -11.20 4.52
CA ALA D 16 15.82 -10.65 3.20
C ALA D 16 16.94 -9.68 3.39
N LEU D 17 17.70 -9.41 2.30
CA LEU D 17 18.81 -8.46 2.34
C LEU D 17 18.63 -7.45 1.23
N LEU D 18 18.70 -6.17 1.57
CA LEU D 18 18.61 -5.11 0.59
C LEU D 18 20.06 -4.81 0.11
N ILE D 19 20.29 -4.93 -1.18
CA ILE D 19 21.62 -4.74 -1.74
C ILE D 19 21.61 -3.56 -2.72
N ASN D 20 22.64 -2.70 -2.63
CA ASN D 20 22.72 -1.52 -3.44
C ASN D 20 23.33 -1.80 -4.83
N GLU D 21 23.55 -0.75 -5.60
CA GLU D 21 24.01 -0.87 -6.97
C GLU D 21 25.38 -1.49 -7.05
N GLU D 22 26.13 -1.45 -5.96
CA GLU D 22 27.44 -2.06 -5.90
C GLU D 22 27.34 -3.44 -5.32
N ASN D 23 26.12 -3.95 -5.30
CA ASN D 23 25.87 -5.29 -4.77
C ASN D 23 26.24 -5.51 -3.31
N GLU D 24 26.23 -4.45 -2.49
CA GLU D 24 26.53 -4.58 -1.06
C GLU D 24 25.22 -4.50 -0.26
N GLY D 25 25.06 -5.36 0.73
CA GLY D 25 23.91 -5.28 1.62
C GLY D 25 24.02 -4.06 2.47
N PHE D 26 22.93 -3.32 2.65
CA PHE D 26 22.98 -2.16 3.53
C PHE D 26 21.79 -2.12 4.50
N CYS D 27 20.90 -3.12 4.46
CA CYS D 27 19.75 -3.13 5.35
C CYS D 27 19.16 -4.52 5.17
N GLY D 28 18.35 -4.97 6.12
CA GLY D 28 17.62 -6.22 5.89
C GLY D 28 16.15 -5.95 5.62
N GLY D 29 15.39 -7.03 5.57
CA GLY D 29 13.92 -6.97 5.39
C GLY D 29 13.37 -8.28 5.90
N THR D 30 12.06 -8.39 5.92
CA THR D 30 11.39 -9.66 6.28
C THR D 30 10.50 -10.11 5.18
N ILE D 31 10.61 -11.36 4.80
CA ILE D 31 9.64 -11.92 3.87
C ILE D 31 8.25 -12.09 4.48
N LEU D 32 7.27 -11.42 3.87
CA LEU D 32 5.87 -11.48 4.31
C LEU D 32 5.01 -12.43 3.43
N SER D 33 5.35 -12.52 2.16
CA SER D 33 4.63 -13.38 1.22
C SER D 33 5.52 -13.51 -0.04
N GLU D 34 5.00 -14.21 -1.08
CA GLU D 34 5.67 -14.38 -2.36
C GLU D 34 6.02 -13.05 -2.99
N PHE D 35 5.21 -12.02 -2.73
CA PHE D 35 5.48 -10.73 -3.33
C PHE D 35 5.90 -9.61 -2.42
N TYR D 36 5.76 -9.74 -1.10
CA TYR D 36 5.96 -8.57 -0.19
C TYR D 36 7.09 -8.71 0.77
N ILE D 37 7.92 -7.67 0.87
CA ILE D 37 9.00 -7.60 1.86
C ILE D 37 8.65 -6.45 2.80
N LEU D 38 8.88 -6.67 4.09
CA LEU D 38 8.77 -5.60 5.09
C LEU D 38 10.17 -5.03 5.43
N THR D 39 10.30 -3.70 5.48
CA THR D 39 11.62 -3.13 5.81
C THR D 39 11.45 -1.80 6.55
N ALA D 40 12.56 -1.09 6.84
CA ALA D 40 12.48 0.21 7.47
C ALA D 40 12.39 1.28 6.41
N ALA D 41 11.51 2.27 6.60
CA ALA D 41 11.39 3.40 5.68
C ALA D 41 12.75 4.09 5.53
N HIS D 42 13.49 4.25 6.63
CA HIS D 42 14.73 5.03 6.51
C HIS D 42 15.77 4.40 5.59
N CYS D 43 15.71 3.08 5.44
CA CYS D 43 16.68 2.39 4.58
C CYS D 43 16.49 2.82 3.11
N LEU D 44 15.27 3.16 2.72
CA LEU D 44 14.98 3.58 1.32
C LEU D 44 15.86 4.77 0.91
N TYR D 45 16.28 5.61 1.87
CA TYR D 45 17.05 6.82 1.56
C TYR D 45 18.55 6.52 1.61
N GLN D 46 18.92 5.23 1.64
CA GLN D 46 20.30 4.83 1.84
C GLN D 46 20.95 4.12 0.66
N ALA D 47 20.26 4.09 -0.46
CA ALA D 47 20.77 3.55 -1.68
C ALA D 47 19.84 4.09 -2.78
N LYS D 48 20.43 4.68 -3.81
CA LYS D 48 19.65 5.15 -4.97
C LYS D 48 18.84 4.09 -5.71
N ARG D 49 19.43 2.91 -5.91
CA ARG D 49 18.66 1.80 -6.46
C ARG D 49 19.05 0.57 -5.66
N PHE D 50 18.11 -0.32 -5.45
CA PHE D 50 18.43 -1.54 -4.70
C PHE D 50 17.60 -2.71 -5.14
N LYS D 51 18.05 -3.90 -4.77
CA LYS D 51 17.28 -5.09 -5.08
C LYS D 51 17.19 -5.85 -3.75
N VAL D 52 16.49 -6.98 -3.75
CA VAL D 52 16.26 -7.77 -2.54
C VAL D 52 16.81 -9.16 -2.78
N ARG D 53 17.75 -9.56 -1.91
CA ARG D 53 18.26 -10.89 -1.95
C ARG D 53 17.58 -11.78 -0.90
N VAL D 54 17.19 -12.99 -1.28
CA VAL D 54 16.64 -13.93 -0.32
C VAL D 54 17.41 -15.24 -0.45
N GLY D 55 17.35 -16.04 0.60
CA GLY D 55 17.88 -17.38 0.55
C GLY D 55 19.36 -17.37 0.77
N ASP D 56 19.85 -16.27 1.29
CA ASP D 56 21.29 -16.11 1.42
C ASP D 56 21.72 -16.29 2.88
N ARG D 57 22.71 -17.14 3.13
CA ARG D 57 23.21 -17.32 4.49
C ARG D 57 24.66 -16.82 4.57
N ASN D 58 25.33 -16.80 3.43
CA ASN D 58 26.74 -16.42 3.34
C ASN D 58 26.93 -15.52 2.12
N THR D 59 27.24 -14.24 2.32
CA THR D 59 27.29 -13.32 1.19
C THR D 59 28.56 -13.47 0.35
N GLU D 60 29.45 -14.40 0.74
CA GLU D 60 30.70 -14.67 0.01
C GLU D 60 30.69 -16.06 -0.58
N GLN D 61 29.52 -16.53 -0.99
CA GLN D 61 29.47 -17.88 -1.52
C GLN D 61 28.15 -18.10 -2.20
N GLU D 62 28.11 -17.78 -3.50
CA GLU D 62 27.00 -18.20 -4.36
C GLU D 62 26.77 -19.68 -4.07
N GLU D 63 26.06 -19.93 -2.98
CA GLU D 63 25.94 -21.25 -2.36
C GLU D 63 24.86 -22.08 -3.04
N GLY D 64 23.80 -21.41 -3.51
CA GLY D 64 22.81 -22.06 -4.36
C GLY D 64 21.46 -22.16 -3.67
N GLY D 65 20.42 -21.69 -4.34
CA GLY D 65 19.14 -21.46 -3.66
C GLY D 65 18.88 -19.99 -3.29
N GLU D 66 19.91 -19.13 -3.41
CA GLU D 66 19.74 -17.66 -3.31
C GLU D 66 19.20 -17.08 -4.59
N ALA D 67 18.55 -15.93 -4.47
CA ALA D 67 17.88 -15.30 -5.59
C ALA D 67 17.80 -13.79 -5.35
N VAL D 68 17.93 -13.02 -6.41
CA VAL D 68 17.85 -11.59 -6.30
C VAL D 68 16.56 -11.19 -6.98
N HIS D 69 15.77 -10.32 -6.33
CA HIS D 69 14.46 -9.91 -6.92
C HIS D 69 14.46 -8.40 -7.10
N GLU D 70 13.97 -7.93 -8.25
CA GLU D 70 13.75 -6.49 -8.43
C GLU D 70 12.48 -6.02 -7.70
N VAL D 71 12.49 -4.75 -7.28
CA VAL D 71 11.34 -4.12 -6.62
C VAL D 71 10.42 -3.45 -7.62
N GLU D 72 9.15 -3.78 -7.59
CA GLU D 72 8.24 -3.16 -8.53
C GLU D 72 7.68 -1.93 -7.88
N VAL D 73 7.29 -2.02 -6.60
CA VAL D 73 6.58 -0.87 -6.02
C VAL D 73 7.13 -0.63 -4.64
N VAL D 74 7.53 0.59 -4.34
CA VAL D 74 7.92 0.89 -2.95
C VAL D 74 6.79 1.59 -2.23
N ILE D 75 6.45 1.06 -1.06
CA ILE D 75 5.36 1.61 -0.30
C ILE D 75 5.92 2.07 1.06
N LYS D 76 6.31 3.29 1.11
CA LYS D 76 6.80 3.85 2.36
C LYS D 76 5.65 4.41 3.16
N HIS D 77 5.69 4.26 4.46
CA HIS D 77 4.59 4.83 5.25
C HIS D 77 4.69 6.37 5.06
N ASN D 78 3.63 7.02 4.60
CA ASN D 78 3.78 8.45 4.30
C ASN D 78 3.96 9.29 5.55
N ARG D 79 3.74 8.72 6.75
CA ARG D 79 4.05 9.46 7.99
C ARG D 79 5.51 9.34 8.53
N PHE D 80 6.35 8.60 7.82
CA PHE D 80 7.76 8.48 8.25
C PHE D 80 8.33 9.85 8.53
N THR D 81 8.93 10.02 9.70
CA THR D 81 9.48 11.32 10.11
C THR D 81 10.99 11.21 10.24
N LYS D 82 11.71 11.90 9.36
CA LYS D 82 13.15 11.65 9.19
C LYS D 82 13.91 11.98 10.48
N GLU D 83 13.41 12.98 11.21
CA GLU D 83 14.08 13.52 12.41
C GLU D 83 14.01 12.60 13.62
N THR D 84 12.92 11.83 13.71
CA THR D 84 12.61 11.03 14.90
C THR D 84 12.54 9.55 14.62
N TYR D 85 12.44 9.21 13.33
CA TYR D 85 12.21 7.83 12.85
C TYR D 85 10.86 7.26 13.34
N ASP D 86 9.89 8.13 13.68
CA ASP D 86 8.54 7.63 13.97
C ASP D 86 8.02 7.10 12.62
N PHE D 87 7.25 6.01 12.63
CA PHE D 87 6.65 5.41 11.40
C PHE D 87 7.74 4.90 10.43
N ASP D 88 8.78 4.30 11.02
CA ASP D 88 9.92 3.82 10.24
C ASP D 88 9.51 2.41 9.70
N ILE D 89 8.72 2.39 8.64
CA ILE D 89 8.16 1.17 8.11
C ILE D 89 7.88 1.37 6.60
N ALA D 90 8.17 0.34 5.81
CA ALA D 90 7.86 0.33 4.37
C ALA D 90 7.61 -1.08 3.98
N VAL D 91 6.86 -1.22 2.88
CA VAL D 91 6.68 -2.54 2.27
C VAL D 91 7.12 -2.43 0.83
N LEU D 92 7.73 -3.50 0.32
CA LEU D 92 8.19 -3.59 -1.07
C LEU D 92 7.37 -4.66 -1.80
N ARG D 93 6.78 -4.33 -2.95
CA ARG D 93 6.20 -5.36 -3.78
C ARG D 93 7.23 -5.73 -4.88
N LEU D 94 7.55 -7.02 -4.99
CA LEU D 94 8.60 -7.53 -5.88
C LEU D 94 8.04 -7.71 -7.30
N LYS D 95 8.88 -7.55 -8.33
CA LYS D 95 8.43 -7.77 -9.74
C LYS D 95 8.12 -9.24 -9.98
N THR D 96 8.90 -10.15 -9.39
CA THR D 96 8.59 -11.58 -9.65
C THR D 96 8.46 -12.29 -8.29
N PRO D 97 7.61 -13.32 -8.19
CA PRO D 97 7.29 -13.87 -6.86
C PRO D 97 8.44 -14.74 -6.34
N ILE D 98 8.56 -14.83 -5.05
CA ILE D 98 9.56 -15.70 -4.41
C ILE D 98 9.04 -17.10 -4.47
N THR D 99 9.89 -18.06 -4.87
CA THR D 99 9.56 -19.47 -4.62
C THR D 99 10.12 -19.93 -3.27
N PHE D 100 9.20 -20.34 -2.39
CA PHE D 100 9.63 -20.67 -1.04
C PHE D 100 10.30 -22.01 -1.16
N ARG D 101 11.36 -22.21 -0.38
CA ARG D 101 12.20 -23.39 -0.44
C ARG D 101 13.00 -23.37 0.82
N MET D 102 13.94 -24.32 0.97
CA MET D 102 14.82 -24.30 2.14
C MET D 102 15.46 -22.91 2.28
N ASN D 103 15.37 -22.36 3.50
CA ASN D 103 15.93 -21.01 3.81
C ASN D 103 15.14 -19.78 3.25
N VAL D 104 13.94 -20.03 2.70
CA VAL D 104 13.14 -18.97 2.06
C VAL D 104 11.66 -19.24 2.39
N ALA D 105 11.12 -18.53 3.38
CA ALA D 105 9.75 -18.75 3.74
C ALA D 105 9.31 -17.52 4.51
N PRO D 106 8.00 -17.23 4.50
CA PRO D 106 7.56 -15.97 5.12
C PRO D 106 7.39 -16.09 6.67
N ALA D 107 7.52 -14.97 7.37
CA ALA D 107 7.19 -14.91 8.80
C ALA D 107 5.71 -14.60 8.89
N CYS D 108 5.03 -15.00 9.95
CA CYS D 108 3.58 -14.74 10.07
C CYS D 108 3.28 -13.33 10.52
N LEU D 109 2.29 -12.72 9.93
CA LEU D 109 1.77 -11.49 10.56
C LEU D 109 0.68 -11.89 11.58
N PRO D 110 0.80 -11.42 12.83
CA PRO D 110 -0.23 -11.68 13.88
C PRO D 110 -1.48 -10.76 13.75
N GLU D 111 -2.61 -11.13 14.39
CA GLU D 111 -3.69 -10.16 14.65
C GLU D 111 -3.27 -9.18 15.74
N ARG D 112 -3.75 -7.93 15.72
CA ARG D 112 -3.19 -6.94 16.66
C ARG D 112 -3.40 -7.22 18.18
N ASP D 113 -4.67 -7.44 18.59
CA ASP D 113 -4.96 -7.57 20.03
C ASP D 113 -4.22 -8.76 20.63
N TRP D 114 -4.27 -9.86 19.88
CA TRP D 114 -3.66 -11.09 20.27
C TRP D 114 -2.15 -10.87 20.40
N ALA D 115 -1.53 -10.17 19.42
CA ALA D 115 -0.11 -9.90 19.50
C ALA D 115 0.18 -9.07 20.72
N GLU D 116 -0.64 -8.06 21.02
CA GLU D 116 -0.39 -7.24 22.22
C GLU D 116 -0.44 -8.04 23.53
N SER D 117 -1.44 -8.91 23.65
CA SER D 117 -1.61 -9.77 24.84
C SER D 117 -0.66 -10.98 24.95
N THR D 118 -0.26 -11.54 23.82
CA THR D 118 0.37 -12.86 23.78
C THR D 118 1.83 -12.90 23.26
N LEU D 119 2.20 -11.97 22.38
CA LEU D 119 3.58 -11.95 21.84
C LEU D 119 4.37 -10.86 22.60
N MET D 120 3.80 -9.65 22.69
CA MET D 120 4.52 -8.57 23.32
C MET D 120 4.71 -8.76 24.83
N THR D 121 4.09 -9.77 25.42
CA THR D 121 4.18 -10.06 26.86
C THR D 121 5.16 -11.17 27.11
N GLN D 122 5.73 -11.76 26.04
CA GLN D 122 6.79 -12.72 26.31
C GLN D 122 8.10 -12.10 26.75
N LYS D 123 9.01 -12.94 27.24
CA LYS D 123 10.29 -12.43 27.74
C LYS D 123 11.18 -11.93 26.63
N THR D 124 11.25 -12.66 25.52
CA THR D 124 12.22 -12.34 24.46
C THR D 124 11.62 -12.46 22.97
N GLY D 125 12.30 -11.84 22.02
CA GLY D 125 12.08 -12.04 20.60
C GLY D 125 13.47 -12.33 20.00
N ILE D 126 13.57 -12.51 18.68
CA ILE D 126 14.85 -12.81 18.04
C ILE D 126 14.98 -11.78 16.92
N VAL D 127 16.14 -11.17 16.83
CA VAL D 127 16.50 -10.25 15.76
C VAL D 127 17.57 -10.95 14.90
N SER D 128 17.60 -10.66 13.60
CA SER D 128 18.59 -11.29 12.69
C SER D 128 19.08 -10.25 11.65
N GLY D 129 20.25 -10.50 11.06
CA GLY D 129 20.72 -9.73 9.91
C GLY D 129 22.20 -10.01 9.64
N PHE D 130 22.73 -9.30 8.65
CA PHE D 130 24.12 -9.32 8.26
C PHE D 130 24.87 -8.07 8.71
N GLY D 131 24.34 -7.29 9.64
CA GLY D 131 24.95 -6.04 10.03
C GLY D 131 26.30 -6.24 10.76
N ARG D 132 26.88 -5.14 11.21
CA ARG D 132 28.18 -5.18 11.90
C ARG D 132 28.17 -6.08 13.13
N THR D 133 29.32 -6.73 13.35
CA THR D 133 29.40 -7.64 14.47
C THR D 133 30.02 -6.99 15.73
N HIS D 134 30.50 -5.75 15.59
CA HIS D 134 30.94 -4.94 16.72
C HIS D 134 30.60 -3.53 16.33
N GLU D 135 30.40 -2.65 17.30
CA GLU D 135 30.05 -1.29 16.94
C GLU D 135 31.06 -0.66 15.92
N LYS D 136 32.35 -0.83 16.20
CA LYS D 136 33.40 -0.39 15.30
C LYS D 136 33.93 -1.71 14.74
N GLY D 137 33.35 -2.13 13.62
CA GLY D 137 33.55 -3.48 13.12
C GLY D 137 33.01 -3.56 11.73
N ARG D 138 33.19 -4.72 11.09
CA ARG D 138 32.71 -4.93 9.74
C ARG D 138 31.32 -5.61 9.83
N GLN D 139 30.53 -5.47 8.76
CA GLN D 139 29.32 -6.33 8.54
C GLN D 139 29.69 -7.84 8.53
N SER D 140 28.80 -8.69 9.08
CA SER D 140 28.94 -10.13 8.96
C SER D 140 28.76 -10.56 7.49
N THR D 141 29.53 -11.56 7.01
CA THR D 141 29.21 -12.15 5.71
C THR D 141 28.28 -13.31 5.97
N ARG D 142 28.06 -13.61 7.23
CA ARG D 142 27.17 -14.68 7.56
C ARG D 142 25.91 -14.17 8.31
N LEU D 143 24.76 -14.65 7.91
CA LEU D 143 23.51 -14.29 8.59
C LEU D 143 23.58 -14.76 10.06
N LYS D 144 23.30 -13.85 11.00
CA LYS D 144 23.21 -14.17 12.44
C LYS D 144 21.85 -13.85 13.04
N MET D 145 21.54 -14.47 14.18
CA MET D 145 20.34 -14.15 14.95
C MET D 145 20.75 -13.95 16.40
N LEU D 146 19.90 -13.24 17.14
CA LEU D 146 20.19 -12.91 18.52
C LEU D 146 18.89 -12.94 19.28
N GLU D 147 18.85 -13.67 20.40
CA GLU D 147 17.70 -13.56 21.28
C GLU D 147 17.81 -12.28 22.11
N VAL D 148 16.78 -11.45 22.10
CA VAL D 148 16.84 -10.15 22.77
C VAL D 148 15.66 -9.98 23.69
N PRO D 149 15.90 -9.74 24.99
CA PRO D 149 14.72 -9.60 25.87
C PRO D 149 13.90 -8.36 25.55
N TYR D 150 12.55 -8.40 25.67
CA TYR D 150 11.77 -7.15 25.63
C TYR D 150 12.06 -6.30 26.89
N VAL D 151 12.01 -4.96 26.72
CA VAL D 151 12.37 -4.02 27.78
C VAL D 151 11.10 -3.18 27.93
N ASP D 152 10.63 -2.98 29.18
CA ASP D 152 9.35 -2.28 29.35
C ASP D 152 9.47 -0.82 28.90
N ARG D 153 8.36 -0.25 28.47
CA ARG D 153 8.33 1.10 27.87
C ARG D 153 8.98 2.21 28.75
N ASN D 154 8.67 2.22 30.05
CA ASN D 154 9.25 3.18 31.00
C ASN D 154 10.75 3.09 30.99
N SER D 155 11.30 1.88 31.16
CA SER D 155 12.74 1.73 31.17
C SER D 155 13.34 2.17 29.87
N CYS D 156 12.60 1.89 28.80
CA CYS D 156 13.06 2.22 27.43
C CYS D 156 13.19 3.75 27.30
N LYS D 157 12.16 4.49 27.69
CA LYS D 157 12.16 5.94 27.54
C LYS D 157 13.29 6.57 28.34
N LEU D 158 13.42 6.09 29.59
CA LEU D 158 14.44 6.59 30.49
C LEU D 158 15.87 6.32 29.99
N SER D 159 16.10 5.18 29.34
CA SER D 159 17.42 4.87 28.76
C SER D 159 17.86 5.76 27.62
N SER D 160 16.92 6.45 26.97
CA SER D 160 17.18 6.91 25.60
C SER D 160 17.38 8.41 25.57
N SER D 161 18.31 8.86 24.73
CA SER D 161 18.47 10.31 24.56
C SER D 161 17.46 10.94 23.61
N PHE D 162 16.74 10.10 22.87
CA PHE D 162 15.78 10.58 21.91
C PHE D 162 14.38 10.07 22.24
N ILE D 163 13.38 10.73 21.70
CA ILE D 163 12.04 10.33 22.02
C ILE D 163 11.78 8.90 21.54
N ILE D 164 11.16 8.11 22.41
CA ILE D 164 10.61 6.81 22.01
C ILE D 164 9.11 7.01 21.81
N THR D 165 8.63 6.88 20.58
CA THR D 165 7.22 7.16 20.33
C THR D 165 6.47 5.87 20.58
N GLN D 166 5.16 5.97 20.61
CA GLN D 166 4.39 4.76 20.77
C GLN D 166 4.54 3.75 19.61
N ASN D 167 5.05 4.19 18.46
CA ASN D 167 5.35 3.30 17.36
C ASN D 167 6.73 2.58 17.47
N MET D 168 7.31 2.59 18.65
CA MET D 168 8.63 1.99 18.82
C MET D 168 8.64 1.17 20.06
N PHE D 169 9.56 0.21 20.14
CA PHE D 169 9.88 -0.39 21.47
C PHE D 169 11.32 -0.76 21.60
N CYS D 170 11.75 -0.99 22.85
CA CYS D 170 13.14 -1.39 23.13
C CYS D 170 13.26 -2.87 23.30
N ALA D 171 14.38 -3.42 22.86
CA ALA D 171 14.71 -4.80 23.23
C ALA D 171 16.23 -4.92 23.26
N GLY D 172 16.70 -5.90 24.04
CA GLY D 172 18.12 -6.05 24.24
C GLY D 172 18.55 -6.12 25.71
N TYR D 173 19.79 -5.74 25.98
CA TYR D 173 20.40 -5.96 27.31
C TYR D 173 20.91 -4.65 27.83
N ASP D 174 20.87 -4.45 29.14
CA ASP D 174 21.48 -3.27 29.70
C ASP D 174 23.02 -3.25 29.48
N THR D 175 23.72 -4.30 29.90
CA THR D 175 25.17 -4.22 29.77
C THR D 175 25.78 -5.42 29.05
N LYS D 176 25.08 -6.54 28.95
CA LYS D 176 25.61 -7.62 28.12
C LYS D 176 25.87 -7.08 26.75
N GLN D 177 26.98 -7.52 26.19
CA GLN D 177 27.43 -7.01 24.93
C GLN D 177 26.84 -7.73 23.75
N GLU D 178 25.54 -7.65 23.60
CA GLU D 178 24.89 -8.29 22.44
C GLU D 178 23.79 -7.31 21.99
N ASP D 179 23.65 -7.08 20.69
CA ASP D 179 22.63 -6.14 20.18
C ASP D 179 22.56 -6.37 18.67
N ALA D 180 21.57 -5.72 18.02
CA ALA D 180 21.64 -5.43 16.59
C ALA D 180 22.61 -4.27 16.35
N CYS D 181 22.94 -3.97 15.08
CA CYS D 181 23.96 -2.94 14.83
C CYS D 181 23.74 -2.40 13.39
N GLN D 182 24.47 -1.38 12.95
CA GLN D 182 24.28 -0.87 11.56
C GLN D 182 24.40 -2.01 10.58
N GLY D 183 23.56 -1.96 9.55
CA GLY D 183 23.52 -3.01 8.55
C GLY D 183 22.36 -3.94 8.88
N ASP D 184 21.95 -3.95 10.13
CA ASP D 184 20.80 -4.79 10.51
C ASP D 184 19.45 -4.10 10.28
N SER D 185 19.47 -2.75 10.17
CA SER D 185 18.24 -2.00 10.00
C SER D 185 17.33 -2.54 8.93
N GLY D 186 16.03 -2.51 9.21
CA GLY D 186 15.00 -2.95 8.27
C GLY D 186 14.69 -4.44 8.43
N GLY D 187 15.55 -5.18 9.16
CA GLY D 187 15.40 -6.64 9.28
C GLY D 187 14.39 -7.07 10.31
N PRO D 188 14.23 -8.41 10.49
CA PRO D 188 13.16 -9.00 11.31
C PRO D 188 13.47 -8.98 12.78
N HIS D 189 12.45 -8.67 13.55
CA HIS D 189 12.36 -9.03 14.96
C HIS D 189 11.07 -9.91 15.00
N VAL D 190 11.23 -11.17 15.42
CA VAL D 190 10.13 -12.08 15.46
C VAL D 190 9.95 -12.59 16.90
N THR D 191 8.74 -12.99 17.24
CA THR D 191 8.49 -13.59 18.52
C THR D 191 7.79 -14.97 18.30
N ARG D 192 8.31 -16.00 18.98
CA ARG D 192 7.90 -17.42 18.87
C ARG D 192 6.68 -17.61 19.78
N PHE D 193 5.66 -18.24 19.25
CA PHE D 193 4.59 -18.71 20.05
C PHE D 193 4.17 -20.12 19.56
N LYS D 194 4.33 -21.14 20.38
CA LYS D 194 3.98 -22.54 19.98
C LYS D 194 4.53 -22.91 18.64
N ASP D 195 5.83 -22.82 18.56
CA ASP D 195 6.58 -23.19 17.37
C ASP D 195 6.33 -22.39 16.09
N THR D 196 5.68 -21.25 16.18
CA THR D 196 5.48 -20.40 15.02
C THR D 196 6.00 -19.01 15.31
N TYR D 197 6.70 -18.44 14.35
CA TYR D 197 7.33 -17.13 14.47
C TYR D 197 6.47 -16.04 13.85
N PHE D 198 6.25 -14.96 14.58
CA PHE D 198 5.41 -13.86 14.12
C PHE D 198 6.22 -12.60 14.13
N VAL D 199 6.07 -11.79 13.08
CA VAL D 199 6.71 -10.48 13.03
C VAL D 199 6.19 -9.55 14.12
N THR D 200 7.16 -9.06 14.93
CA THR D 200 6.88 -8.19 16.06
C THR D 200 7.64 -6.88 15.99
N GLY D 201 8.71 -6.81 15.19
CA GLY D 201 9.39 -5.51 15.03
C GLY D 201 10.19 -5.41 13.76
N ILE D 202 10.67 -4.19 13.49
CA ILE D 202 11.54 -3.94 12.36
C ILE D 202 12.74 -3.24 13.00
N VAL D 203 13.96 -3.72 12.73
CA VAL D 203 15.15 -3.09 13.29
C VAL D 203 15.20 -1.61 12.86
N SER D 204 15.27 -0.65 13.79
CA SER D 204 15.13 0.72 13.32
C SER D 204 16.36 1.58 13.66
N TRP D 205 16.70 1.64 14.95
CA TRP D 205 17.80 2.51 15.36
C TRP D 205 18.33 2.21 16.75
N GLY D 206 19.52 2.78 17.08
CA GLY D 206 20.12 2.48 18.36
C GLY D 206 21.27 3.49 18.56
N GLU D 207 21.54 3.83 19.81
CA GLU D 207 22.70 4.67 20.11
C GLU D 207 23.98 3.80 20.27
N GLY D 208 24.79 3.70 19.23
CA GLY D 208 25.88 2.74 19.30
C GLY D 208 25.36 1.36 19.11
N CYS D 209 26.26 0.36 19.20
CA CYS D 209 25.78 -1.05 19.28
C CYS D 209 26.16 -1.69 20.61
N ALA D 210 25.19 -2.28 21.27
CA ALA D 210 25.41 -2.99 22.53
C ALA D 210 26.06 -2.11 23.65
N ARG D 211 25.75 -0.81 23.67
CA ARG D 211 26.35 0.08 24.68
C ARG D 211 25.68 -0.10 26.02
N LYS D 212 26.44 0.02 27.10
CA LYS D 212 25.82 -0.08 28.40
C LYS D 212 24.77 1.01 28.60
N GLY D 213 23.66 0.66 29.23
CA GLY D 213 22.53 1.57 29.42
C GLY D 213 21.68 1.96 28.19
N LYS D 214 21.98 1.33 27.05
CA LYS D 214 21.27 1.62 25.79
C LYS D 214 20.68 0.33 25.22
N TYR D 215 19.52 0.43 24.54
CA TYR D 215 18.88 -0.78 23.99
C TYR D 215 18.72 -0.60 22.47
N GLY D 216 18.46 -1.68 21.73
CA GLY D 216 18.04 -1.44 20.37
C GLY D 216 16.60 -0.97 20.27
N ILE D 217 16.32 -0.14 19.27
CA ILE D 217 14.95 0.37 19.10
C ILE D 217 14.38 -0.26 17.82
N TYR D 218 13.16 -0.74 17.95
CA TYR D 218 12.42 -1.44 16.90
C TYR D 218 11.14 -0.76 16.57
N THR D 219 10.75 -0.78 15.28
CA THR D 219 9.47 -0.25 14.89
C THR D 219 8.52 -1.26 15.50
N LYS D 220 7.42 -0.78 16.09
CA LYS D 220 6.46 -1.63 16.78
C LYS D 220 5.42 -2.12 15.75
N VAL D 221 5.55 -3.39 15.31
CA VAL D 221 4.70 -3.90 14.24
C VAL D 221 3.21 -3.88 14.54
N THR D 222 2.83 -4.09 15.80
CA THR D 222 1.37 -4.11 16.10
C THR D 222 0.68 -2.80 15.72
N ALA D 223 1.37 -1.69 15.77
CA ALA D 223 0.76 -0.37 15.45
C ALA D 223 0.49 -0.30 13.96
N PHE D 224 1.13 -1.19 13.20
CA PHE D 224 1.10 -1.14 11.70
C PHE D 224 0.46 -2.31 11.01
N LEU D 225 -0.23 -3.15 11.77
CA LEU D 225 -0.73 -4.39 11.17
C LEU D 225 -1.82 -4.10 10.10
N LYS D 226 -2.64 -3.13 10.44
CA LYS D 226 -3.73 -2.70 9.53
C LYS D 226 -3.09 -2.03 8.34
N TRP D 227 -2.12 -1.14 8.58
CA TRP D 227 -1.45 -0.51 7.44
C TRP D 227 -0.76 -1.56 6.52
N ILE D 228 -0.09 -2.56 7.12
CA ILE D 228 0.56 -3.60 6.27
C ILE D 228 -0.49 -4.35 5.47
N ASP D 229 -1.61 -4.66 6.13
CA ASP D 229 -2.63 -5.45 5.48
C ASP D 229 -3.23 -4.68 4.29
N ARG D 230 -3.41 -3.37 4.42
CA ARG D 230 -3.83 -2.57 3.23
C ARG D 230 -2.85 -2.54 2.10
N SER D 231 -1.55 -2.49 2.45
CA SER D 231 -0.49 -2.43 1.42
C SER D 231 -0.46 -3.72 0.64
N MET D 232 -0.82 -4.82 1.31
CA MET D 232 -0.61 -6.09 0.75
C MET D 232 -1.76 -6.58 -0.09
N LYS D 233 -2.90 -5.90 0.05
CA LYS D 233 -4.14 -6.33 -0.57
C LYS D 233 -4.20 -5.62 -1.91
N THR D 234 -3.50 -4.49 -2.02
CA THR D 234 -3.37 -3.85 -3.32
C THR D 234 -3.04 -4.87 -4.41
N ARG D 235 -2.11 -5.78 -4.14
CA ARG D 235 -1.76 -6.82 -5.10
C ARG D 235 -1.13 -6.28 -6.43
N GLY D 236 -1.26 -7.04 -7.53
CA GLY D 236 -0.60 -6.67 -8.78
C GLY D 236 -1.22 -5.46 -9.51
N LEU D 237 -0.61 -5.09 -10.62
CA LEU D 237 -1.07 -3.93 -11.38
C LEU D 237 -2.43 -4.18 -12.03
N PRO D 238 -3.28 -3.11 -12.05
CA PRO D 238 -4.60 -3.24 -12.66
C PRO D 238 -4.45 -3.49 -14.14
#